data_6GVH
#
_entry.id   6GVH
#
_cell.length_a   58.110
_cell.length_b   133.600
_cell.length_c   141.160
_cell.angle_alpha   90.00
_cell.angle_beta   90.00
_cell.angle_gamma   90.00
#
_symmetry.space_group_name_H-M   'P 21 21 21'
#
loop_
_entity.id
_entity.type
_entity.pdbx_description
1 polymer 'Phosphatidylinositol 4,5-bisphosphate 3-kinase catalytic subunit alpha isoform'
2 non-polymer 5-(6-azanyl-4-chloranyl-1-propan-2-yl-pyrazolo[3,4-d]pyrimidin-3-yl)-1,3-benzoxazol-2-amine
3 water water
#
_entity_poly.entity_id   1
_entity_poly.type   'polypeptide(L)'
_entity_poly.pdbx_seq_one_letter_code
;NREEKILNREIGFAIGMPVCEFDMVKDPEVQDFRRNILNVCKEAVDLRDLNSPHSRAMYVYPPNVESSPELPKHIYNKLD
KGQIIVVIWVIVSPNNDKQKYTLKINHDCVPEQVIAEAIRKKTRSMLLSSEQLKLCVLEYQGKYILKVCGCDEYFLEKYP
LSQYKYIRSCIMLGRMPNLMLMAKESLYSQLPMDCFTMPSYSRRISTATPYMNGETSTKSLWVINSALRIKILCATYVNV
NIRDIDKIYVRTGIYHGGEPLCDNVNTQRVPCSNPRWNEWLNYDIYIPDLPRAARLCLSICSVKGRKGAKEEHCPLAWGN
INLFDYTDTLVSGKMALNLWPVPHGLEDLLNPIGVTGSNPNKETPCLELEFDWFSSVVKFPDMSVIEEHANWSVSREAGF
SYSHAGLSNRLARDNELRENDKEQLKAISTRDPLSEITEQEKDFLWSHRHYCVTIPEILPKLLLSVKWNSRDEVAQMYCL
VKDWPPIKPEQAMELLDCNYPDPMVRGFAVRCLEKYLTDDKLSQYLIQLVQVLKYEQYLDNLLVRFLLKKALTNQRIGHF
FFWHLKSEMHNKTVSQRFGLLLESYCRACGMYLKHLNRQVEAMEKLINLTDILKQEKKDETQKVQMKFLVEQMRRPDFMD
ALQGFLSPLNPAHQLGNLRLEECRIMSSAKRPLWLNWENPDIMSELLFQNNEIIFKNGDDLRQDMLTLQIIRIMENIWQN
QGLDLRMLPYGCLSIGDCVGLIEVVRNSHTIMQIQCKGGLKGALQFNSHTLHQWLKDKNKGEIYDAAIDLFTRSCAGYCV
ATFILGIGDRHNSNIMVKDDGQLFHIDFGHFLDHKKKKFGYKRERVPFVLTQDFLIVISKGAQECTKTREFERFQEMCYK
AYLAIRQHANLFINLFSMMLGSGMPELQSFDDIAYIRKTLALDKTEQEALEYFMKQMNDAHHGGWTTKMDWIFHTIKQHA
LN
;
_entity_poly.pdbx_strand_id   A
#
# COMPACT_ATOMS: atom_id res chain seq x y z
N ASN A 1 -22.88 11.22 -27.14
CA ASN A 1 -23.05 12.60 -27.60
C ASN A 1 -21.79 13.47 -27.44
N ARG A 2 -21.96 14.81 -27.52
CA ARG A 2 -20.93 15.84 -27.38
C ARG A 2 -20.33 15.78 -25.97
N GLU A 3 -21.18 15.57 -24.95
CA GLU A 3 -20.78 15.46 -23.55
C GLU A 3 -19.89 14.21 -23.34
N GLU A 4 -20.23 13.05 -24.00
CA GLU A 4 -19.45 11.82 -23.86
C GLU A 4 -18.05 11.95 -24.44
N LYS A 5 -17.95 12.58 -25.64
CA LYS A 5 -16.69 12.79 -26.34
C LYS A 5 -15.74 13.65 -25.51
N ILE A 6 -16.28 14.67 -24.83
CA ILE A 6 -15.53 15.57 -23.95
C ILE A 6 -15.08 14.79 -22.74
N LEU A 7 -15.95 13.92 -22.18
CA LEU A 7 -15.60 13.10 -21.03
C LEU A 7 -14.46 12.14 -21.35
N ASN A 8 -14.50 11.51 -22.54
CA ASN A 8 -13.45 10.60 -23.00
C ASN A 8 -12.10 11.32 -23.12
N ARG A 9 -12.10 12.60 -23.52
CA ARG A 9 -10.90 13.42 -23.66
C ARG A 9 -10.28 13.68 -22.26
N GLU A 10 -11.16 14.00 -21.26
CA GLU A 10 -10.80 14.25 -19.87
C GLU A 10 -10.21 12.98 -19.25
N ILE A 11 -10.86 11.82 -19.49
CA ILE A 11 -10.41 10.51 -18.96
C ILE A 11 -9.06 10.15 -19.56
N GLY A 12 -8.95 10.35 -20.87
CA GLY A 12 -7.72 10.14 -21.62
C GLY A 12 -6.56 10.96 -21.12
N PHE A 13 -6.82 12.21 -20.68
CA PHE A 13 -5.80 13.10 -20.15
C PHE A 13 -5.37 12.60 -18.78
N ALA A 14 -6.34 12.19 -17.96
CA ALA A 14 -6.09 11.69 -16.61
C ALA A 14 -5.26 10.41 -16.59
N ILE A 15 -5.65 9.40 -17.38
CA ILE A 15 -4.97 8.09 -17.41
C ILE A 15 -3.71 8.10 -18.28
N GLY A 16 -3.56 9.13 -19.10
CA GLY A 16 -2.39 9.31 -19.96
C GLY A 16 -2.40 8.53 -21.25
N MET A 17 -3.57 7.99 -21.60
CA MET A 17 -3.75 7.24 -22.83
C MET A 17 -5.18 7.41 -23.33
N PRO A 18 -5.38 7.44 -24.66
CA PRO A 18 -6.75 7.63 -25.17
C PRO A 18 -7.65 6.42 -24.95
N VAL A 19 -8.93 6.71 -24.64
CA VAL A 19 -10.00 5.76 -24.38
C VAL A 19 -10.19 4.84 -25.60
N CYS A 20 -10.03 5.38 -26.83
CA CYS A 20 -10.16 4.60 -28.08
C CYS A 20 -9.28 3.35 -28.12
N GLU A 21 -8.09 3.39 -27.50
CA GLU A 21 -7.17 2.26 -27.42
C GLU A 21 -7.80 1.07 -26.73
N PHE A 22 -8.69 1.32 -25.75
CA PHE A 22 -9.44 0.25 -25.07
C PHE A 22 -10.52 -0.28 -25.96
N ASP A 23 -11.21 0.60 -26.71
CA ASP A 23 -12.30 0.24 -27.62
C ASP A 23 -11.84 -0.71 -28.70
N MET A 24 -10.56 -0.59 -29.12
CA MET A 24 -10.02 -1.47 -30.15
C MET A 24 -9.38 -2.77 -29.60
N VAL A 25 -9.44 -3.00 -28.28
CA VAL A 25 -8.96 -4.27 -27.71
C VAL A 25 -10.08 -5.29 -27.96
N LYS A 26 -9.80 -6.32 -28.78
CA LYS A 26 -10.82 -7.28 -29.14
C LYS A 26 -11.07 -8.36 -28.08
N ASP A 27 -10.15 -8.49 -27.08
CA ASP A 27 -10.27 -9.46 -25.97
C ASP A 27 -11.61 -9.27 -25.26
N PRO A 28 -12.52 -10.27 -25.29
CA PRO A 28 -13.81 -10.10 -24.62
C PRO A 28 -13.73 -9.90 -23.11
N GLU A 29 -12.64 -10.33 -22.44
CA GLU A 29 -12.50 -10.13 -21.00
C GLU A 29 -12.40 -8.66 -20.68
N VAL A 30 -11.63 -7.92 -21.54
CA VAL A 30 -11.41 -6.49 -21.46
C VAL A 30 -12.74 -5.78 -21.62
N GLN A 31 -13.51 -6.14 -22.67
CA GLN A 31 -14.78 -5.50 -22.97
C GLN A 31 -15.85 -5.82 -21.96
N ASP A 32 -15.85 -7.06 -21.44
CA ASP A 32 -16.79 -7.47 -20.41
C ASP A 32 -16.48 -6.76 -19.10
N PHE A 33 -15.18 -6.55 -18.80
CA PHE A 33 -14.78 -5.82 -17.58
C PHE A 33 -15.33 -4.38 -17.62
N ARG A 34 -15.09 -3.65 -18.72
CA ARG A 34 -15.53 -2.29 -18.95
C ARG A 34 -17.05 -2.16 -18.76
N ARG A 35 -17.80 -3.12 -19.30
CA ARG A 35 -19.25 -3.13 -19.14
C ARG A 35 -19.68 -3.52 -17.72
N ASN A 36 -19.29 -4.70 -17.23
CA ASN A 36 -19.73 -5.25 -15.94
C ASN A 36 -19.27 -4.51 -14.71
N ILE A 37 -18.16 -3.77 -14.77
CA ILE A 37 -17.66 -3.01 -13.61
C ILE A 37 -18.55 -1.81 -13.26
N LEU A 38 -19.37 -1.36 -14.23
CA LEU A 38 -20.25 -0.21 -14.11
C LEU A 38 -21.33 -0.42 -13.06
N ASN A 39 -21.46 -1.66 -12.54
CA ASN A 39 -22.40 -2.00 -11.45
C ASN A 39 -21.89 -1.27 -10.21
N VAL A 40 -20.56 -1.37 -9.95
CA VAL A 40 -19.87 -0.74 -8.83
C VAL A 40 -20.02 0.78 -8.93
N CYS A 41 -19.84 1.33 -10.16
CA CYS A 41 -19.94 2.75 -10.46
C CYS A 41 -21.31 3.26 -10.04
N LYS A 42 -22.39 2.57 -10.50
CA LYS A 42 -23.78 2.87 -10.16
C LYS A 42 -24.00 2.80 -8.65
N GLU A 43 -23.56 1.70 -7.99
CA GLU A 43 -23.74 1.46 -6.54
C GLU A 43 -23.14 2.59 -5.73
N ALA A 44 -21.91 2.99 -6.08
CA ALA A 44 -21.15 4.06 -5.42
C ALA A 44 -21.85 5.42 -5.53
N VAL A 45 -22.30 5.79 -6.75
CA VAL A 45 -23.05 7.03 -7.06
C VAL A 45 -24.36 7.08 -6.26
N ASP A 46 -25.04 5.92 -6.13
CA ASP A 46 -26.30 5.79 -5.38
C ASP A 46 -26.11 6.05 -3.86
N LEU A 47 -25.01 5.56 -3.28
CA LEU A 47 -24.67 5.80 -1.87
C LEU A 47 -24.36 7.29 -1.61
N ARG A 48 -23.73 7.96 -2.59
CA ARG A 48 -23.43 9.38 -2.52
C ARG A 48 -24.68 10.22 -2.72
N ASP A 49 -25.63 9.73 -3.52
CA ASP A 49 -26.86 10.48 -3.74
C ASP A 49 -27.91 10.21 -2.65
N LEU A 50 -27.72 9.15 -1.83
CA LEU A 50 -28.62 8.74 -0.76
C LEU A 50 -29.03 9.89 0.15
N ASN A 51 -28.14 10.43 1.01
CA ASN A 51 -28.56 11.57 1.83
C ASN A 51 -28.04 12.92 1.26
N SER A 52 -28.46 13.30 0.06
CA SER A 52 -28.02 14.57 -0.53
C SER A 52 -28.59 15.73 0.28
N PRO A 53 -27.81 16.78 0.61
CA PRO A 53 -26.42 17.04 0.24
C PRO A 53 -25.37 16.41 1.15
N HIS A 54 -25.73 16.03 2.38
CA HIS A 54 -24.80 15.52 3.37
C HIS A 54 -23.90 14.38 2.89
N SER A 55 -24.48 13.34 2.28
CA SER A 55 -23.75 12.17 1.80
C SER A 55 -22.76 12.50 0.67
N ARG A 56 -23.03 13.57 -0.11
CA ARG A 56 -22.14 14.04 -1.17
C ARG A 56 -20.97 14.76 -0.49
N ALA A 57 -21.24 15.51 0.60
CA ALA A 57 -20.21 16.22 1.39
C ALA A 57 -19.28 15.23 2.13
N MET A 58 -19.84 14.08 2.60
CA MET A 58 -19.11 13.01 3.26
C MET A 58 -18.14 12.27 2.27
N TYR A 59 -18.49 12.26 0.98
CA TYR A 59 -17.69 11.64 -0.07
C TYR A 59 -16.49 12.57 -0.33
N VAL A 60 -16.75 13.86 -0.54
CA VAL A 60 -15.73 14.86 -0.84
C VAL A 60 -14.83 15.15 0.36
N TYR A 61 -15.43 15.30 1.54
CA TYR A 61 -14.73 15.65 2.77
C TYR A 61 -15.00 14.58 3.84
N PRO A 62 -14.44 13.34 3.64
CA PRO A 62 -14.64 12.27 4.63
C PRO A 62 -13.92 12.58 5.94
N PRO A 63 -14.44 12.14 7.09
CA PRO A 63 -13.78 12.49 8.36
C PRO A 63 -12.43 11.86 8.45
N ASN A 64 -11.41 12.67 8.75
CA ASN A 64 -10.06 12.13 8.87
C ASN A 64 -9.92 11.71 10.31
N VAL A 65 -10.34 10.46 10.56
CA VAL A 65 -10.48 9.89 11.90
C VAL A 65 -9.60 8.66 12.17
N GLU A 66 -9.25 8.45 13.45
CA GLU A 66 -8.52 7.29 13.96
C GLU A 66 -9.50 6.11 14.02
N SER A 67 -8.98 4.87 13.99
CA SER A 67 -9.84 3.69 14.01
C SER A 67 -10.60 3.49 15.33
N SER A 68 -9.92 3.73 16.48
CA SER A 68 -10.53 3.58 17.80
C SER A 68 -10.78 4.90 18.54
N PRO A 69 -12.00 5.08 19.13
CA PRO A 69 -12.27 6.28 19.96
C PRO A 69 -11.43 6.30 21.25
N GLU A 70 -11.08 5.10 21.79
CA GLU A 70 -10.26 4.91 23.01
C GLU A 70 -8.91 5.58 22.90
N LEU A 71 -8.54 6.30 23.96
CA LEU A 71 -7.30 7.05 24.02
C LEU A 71 -6.25 6.41 24.93
N PRO A 72 -4.98 6.26 24.45
CA PRO A 72 -3.89 5.78 25.34
C PRO A 72 -3.73 6.67 26.57
N LYS A 73 -3.36 6.05 27.70
CA LYS A 73 -3.22 6.68 29.02
C LYS A 73 -2.28 7.88 29.02
N HIS A 74 -1.12 7.80 28.33
CA HIS A 74 -0.15 8.91 28.34
C HIS A 74 -0.63 10.11 27.52
N ILE A 75 -1.52 9.88 26.54
CA ILE A 75 -2.12 10.93 25.70
C ILE A 75 -3.22 11.61 26.53
N TYR A 76 -4.01 10.80 27.31
CA TYR A 76 -5.05 11.30 28.20
C TYR A 76 -4.47 12.17 29.29
N ASN A 77 -3.25 11.84 29.77
CA ASN A 77 -2.57 12.60 30.82
C ASN A 77 -2.06 13.98 30.35
N LYS A 78 -1.99 14.21 29.02
CA LYS A 78 -1.62 15.52 28.45
C LYS A 78 -2.77 16.52 28.61
N LEU A 79 -4.03 16.00 28.66
CA LEU A 79 -5.25 16.78 28.85
C LEU A 79 -5.40 17.24 30.32
N ASP A 80 -6.13 18.36 30.52
CA ASP A 80 -6.43 18.94 31.83
C ASP A 80 -7.73 18.30 32.36
N LYS A 81 -7.58 17.19 33.12
CA LYS A 81 -8.68 16.40 33.68
C LYS A 81 -9.60 15.87 32.56
N GLY A 82 -8.99 15.36 31.50
CA GLY A 82 -9.67 14.84 30.32
C GLY A 82 -10.33 15.89 29.45
N GLN A 83 -9.90 17.15 29.58
CA GLN A 83 -10.48 18.27 28.82
C GLN A 83 -9.46 18.92 27.93
N ILE A 84 -9.90 19.34 26.74
CA ILE A 84 -9.09 19.98 25.70
C ILE A 84 -9.50 21.43 25.49
N ILE A 85 -8.49 22.32 25.36
CA ILE A 85 -8.70 23.73 25.06
C ILE A 85 -8.66 23.82 23.53
N VAL A 86 -9.76 24.31 22.92
CA VAL A 86 -9.97 24.46 21.47
C VAL A 86 -10.31 25.93 21.17
N VAL A 87 -9.71 26.49 20.12
CA VAL A 87 -9.98 27.85 19.65
C VAL A 87 -10.92 27.70 18.44
N ILE A 88 -12.06 28.41 18.47
CA ILE A 88 -13.06 28.38 17.39
C ILE A 88 -13.17 29.75 16.78
N TRP A 89 -12.88 29.82 15.48
CA TRP A 89 -12.88 31.05 14.71
C TRP A 89 -14.18 31.24 13.97
N VAL A 90 -14.60 32.49 13.85
CA VAL A 90 -15.83 32.89 13.16
C VAL A 90 -15.44 34.09 12.29
N ILE A 91 -15.71 34.00 10.98
CA ILE A 91 -15.48 35.12 10.07
C ILE A 91 -16.78 35.95 10.06
N VAL A 92 -16.68 37.17 10.57
CA VAL A 92 -17.77 38.14 10.64
C VAL A 92 -17.35 39.34 9.77
N SER A 93 -18.31 39.96 9.05
CA SER A 93 -18.04 41.05 8.07
C SER A 93 -17.37 40.46 6.79
N PRO A 94 -17.55 41.07 5.60
CA PRO A 94 -16.95 40.48 4.38
C PRO A 94 -15.48 40.86 4.19
N ASN A 95 -14.94 41.70 5.09
CA ASN A 95 -13.53 42.12 5.14
C ASN A 95 -12.75 41.02 5.89
N ASN A 96 -13.41 39.86 6.03
CA ASN A 96 -13.01 38.61 6.66
C ASN A 96 -12.51 38.79 8.10
N ASP A 97 -13.12 39.74 8.85
CA ASP A 97 -12.75 39.98 10.26
C ASP A 97 -12.97 38.73 11.09
N LYS A 98 -11.87 38.20 11.62
CA LYS A 98 -11.81 36.96 12.37
C LYS A 98 -12.06 37.19 13.85
N GLN A 99 -12.84 36.31 14.46
CA GLN A 99 -13.18 36.40 15.87
C GLN A 99 -12.93 35.06 16.55
N LYS A 100 -11.96 35.00 17.46
CA LYS A 100 -11.65 33.76 18.16
C LYS A 100 -12.45 33.60 19.44
N TYR A 101 -12.80 32.33 19.77
CA TYR A 101 -13.56 31.93 20.96
C TYR A 101 -12.93 30.69 21.55
N THR A 102 -12.10 30.87 22.61
CA THR A 102 -11.39 29.76 23.27
C THR A 102 -12.35 28.96 24.16
N LEU A 103 -12.45 27.64 23.94
CA LEU A 103 -13.35 26.75 24.68
C LEU A 103 -12.58 25.68 25.40
N LYS A 104 -12.97 25.37 26.66
CA LYS A 104 -12.41 24.28 27.47
C LYS A 104 -13.51 23.27 27.59
N ILE A 105 -13.38 22.16 26.88
CA ILE A 105 -14.41 21.12 26.81
C ILE A 105 -13.81 19.70 26.87
N ASN A 106 -14.66 18.69 27.13
CA ASN A 106 -14.25 17.28 27.20
C ASN A 106 -13.73 16.84 25.85
N HIS A 107 -12.64 16.06 25.84
CA HIS A 107 -12.01 15.55 24.61
C HIS A 107 -12.99 14.72 23.73
N ASP A 108 -13.95 14.02 24.36
CA ASP A 108 -14.95 13.14 23.75
C ASP A 108 -16.18 13.87 23.21
N CYS A 109 -16.14 15.22 23.14
CA CYS A 109 -17.23 16.06 22.63
C CYS A 109 -17.48 15.84 21.15
N VAL A 110 -18.71 15.81 20.75
CA VAL A 110 -19.05 15.64 19.35
C VAL A 110 -19.10 17.04 18.71
N PRO A 111 -18.71 17.20 17.41
CA PRO A 111 -18.73 18.53 16.76
C PRO A 111 -19.92 19.45 17.09
N GLU A 112 -21.17 18.90 17.13
CA GLU A 112 -22.37 19.65 17.44
C GLU A 112 -22.36 20.19 18.87
N GLN A 113 -21.76 19.43 19.81
CA GLN A 113 -21.58 19.83 21.22
C GLN A 113 -20.56 20.99 21.27
N VAL A 114 -19.48 20.90 20.43
CA VAL A 114 -18.42 21.89 20.29
C VAL A 114 -18.98 23.20 19.69
N ILE A 115 -19.88 23.09 18.69
CA ILE A 115 -20.52 24.25 18.02
C ILE A 115 -21.43 24.96 19.04
N ALA A 116 -22.17 24.20 19.86
CA ALA A 116 -23.08 24.76 20.86
C ALA A 116 -22.33 25.63 21.88
N GLU A 117 -21.20 25.14 22.38
CA GLU A 117 -20.38 25.85 23.36
C GLU A 117 -19.78 27.14 22.79
N ALA A 118 -19.43 27.13 21.47
CA ALA A 118 -18.90 28.29 20.77
C ALA A 118 -19.98 29.37 20.62
N ILE A 119 -21.24 28.92 20.40
CA ILE A 119 -22.41 29.81 20.30
C ILE A 119 -22.66 30.43 21.65
N ARG A 120 -22.53 29.64 22.74
CA ARG A 120 -22.67 30.10 24.12
C ARG A 120 -21.65 31.21 24.45
N LYS A 121 -20.37 31.03 24.06
CA LYS A 121 -19.33 32.05 24.29
C LYS A 121 -19.55 33.30 23.43
N LYS A 122 -20.10 33.13 22.21
CA LYS A 122 -20.46 34.23 21.30
C LYS A 122 -21.70 34.98 21.88
N THR A 123 -22.63 34.23 22.53
CA THR A 123 -23.84 34.72 23.20
C THR A 123 -23.48 35.40 24.52
N ARG A 124 -22.35 35.01 25.14
CA ARG A 124 -21.87 35.64 26.39
C ARG A 124 -21.60 37.13 26.16
N SER A 125 -21.28 37.54 24.89
CA SER A 125 -21.05 38.93 24.47
C SER A 125 -22.38 39.74 24.60
N MET A 126 -23.47 39.20 24.00
CA MET A 126 -24.83 39.77 24.08
C MET A 126 -25.52 38.92 25.14
N LEU A 127 -25.06 39.05 26.39
CA LEU A 127 -25.49 38.27 27.57
C LEU A 127 -26.98 38.46 27.97
N LEU A 128 -27.83 38.96 27.04
CA LEU A 128 -29.28 39.14 27.22
C LEU A 128 -29.98 37.76 27.21
N SER A 129 -29.33 36.79 26.54
CA SER A 129 -29.78 35.43 26.37
C SER A 129 -29.17 34.46 27.44
N SER A 130 -28.78 35.01 28.62
CA SER A 130 -28.17 34.26 29.74
C SER A 130 -29.14 33.23 30.32
N GLU A 131 -30.37 33.66 30.59
CA GLU A 131 -31.44 32.84 31.11
C GLU A 131 -32.53 32.76 30.04
N GLN A 132 -33.11 33.94 29.66
CA GLN A 132 -34.16 34.11 28.65
C GLN A 132 -33.66 33.75 27.25
N LEU A 133 -34.24 32.68 26.67
CA LEU A 133 -33.93 32.09 25.36
C LEU A 133 -32.49 31.52 25.36
N LYS A 134 -32.11 30.88 26.49
CA LYS A 134 -30.80 30.25 26.71
C LYS A 134 -30.49 29.24 25.61
N LEU A 135 -31.52 28.51 25.14
CA LEU A 135 -31.47 27.49 24.08
C LEU A 135 -31.06 28.07 22.73
N CYS A 136 -31.40 29.35 22.45
CA CYS A 136 -31.08 30.11 21.22
C CYS A 136 -31.46 29.36 19.91
N VAL A 137 -32.71 28.82 19.87
CA VAL A 137 -33.30 28.02 18.77
C VAL A 137 -32.36 26.83 18.43
N LEU A 138 -32.29 25.87 19.39
CA LEU A 138 -31.45 24.65 19.42
C LEU A 138 -29.95 25.02 19.46
N GLU A 139 -29.65 26.34 19.44
CA GLU A 139 -28.31 26.92 19.35
C GLU A 139 -27.64 26.37 18.05
N TYR A 140 -28.43 26.41 16.93
CA TYR A 140 -28.19 25.99 15.54
C TYR A 140 -26.90 25.17 15.30
N GLN A 141 -26.75 24.04 16.03
CA GLN A 141 -25.59 23.15 15.93
C GLN A 141 -25.61 22.38 14.60
N GLY A 142 -26.81 22.25 14.02
CA GLY A 142 -27.06 21.60 12.73
C GLY A 142 -27.14 22.54 11.55
N LYS A 143 -26.96 23.88 11.79
CA LYS A 143 -26.94 24.91 10.75
C LYS A 143 -25.48 25.30 10.41
N TYR A 144 -24.53 24.83 11.25
CA TYR A 144 -23.09 25.04 11.14
C TYR A 144 -22.32 23.72 11.07
N ILE A 145 -21.05 23.78 10.64
CA ILE A 145 -20.07 22.68 10.56
C ILE A 145 -18.70 23.22 10.93
N LEU A 146 -17.84 22.36 11.51
CA LEU A 146 -16.48 22.78 11.86
C LEU A 146 -15.48 22.37 10.81
N LYS A 147 -14.57 23.28 10.49
CA LYS A 147 -13.50 23.09 9.50
C LYS A 147 -12.16 23.31 10.20
N VAL A 148 -11.08 22.64 9.74
CA VAL A 148 -9.73 22.85 10.29
C VAL A 148 -9.22 24.14 9.64
N CYS A 149 -8.70 25.08 10.44
CA CYS A 149 -8.17 26.35 9.93
C CYS A 149 -6.94 26.04 9.10
N GLY A 150 -6.87 26.62 7.89
CA GLY A 150 -5.72 26.49 7.00
C GLY A 150 -5.72 25.43 5.92
N CYS A 151 -6.69 24.48 5.97
CA CYS A 151 -6.85 23.38 4.99
C CYS A 151 -8.27 22.90 4.89
N ASP A 152 -8.59 22.20 3.80
CA ASP A 152 -9.92 21.69 3.50
C ASP A 152 -10.23 20.39 4.20
N GLU A 153 -10.31 20.42 5.54
N GLU A 153 -10.31 20.42 5.54
CA GLU A 153 -10.62 19.28 6.41
CA GLU A 153 -10.66 19.26 6.37
C GLU A 153 -11.85 19.66 7.23
C GLU A 153 -11.85 19.66 7.22
N TYR A 154 -12.92 18.83 7.15
CA TYR A 154 -14.19 19.07 7.84
C TYR A 154 -14.54 17.98 8.83
N PHE A 155 -15.38 18.36 9.80
CA PHE A 155 -15.84 17.53 10.89
C PHE A 155 -17.32 17.32 10.66
N LEU A 156 -17.66 16.53 9.64
CA LEU A 156 -19.05 16.30 9.21
C LEU A 156 -19.77 15.15 9.94
N GLU A 157 -19.03 14.26 10.64
CA GLU A 157 -19.68 13.12 11.31
C GLU A 157 -19.53 13.14 12.85
N LYS A 158 -20.51 12.53 13.57
CA LYS A 158 -20.68 12.49 15.02
C LYS A 158 -19.58 11.74 15.80
N TYR A 159 -18.31 11.90 15.45
CA TYR A 159 -17.25 11.23 16.20
C TYR A 159 -16.84 12.05 17.40
N PRO A 160 -16.29 11.44 18.49
CA PRO A 160 -15.73 12.26 19.58
C PRO A 160 -14.56 13.05 19.00
N LEU A 161 -14.45 14.34 19.35
CA LEU A 161 -13.46 15.31 18.86
C LEU A 161 -12.02 14.77 18.82
N SER A 162 -11.62 14.06 19.87
CA SER A 162 -10.32 13.42 20.04
C SER A 162 -10.01 12.35 18.96
N GLN A 163 -11.05 11.69 18.38
CA GLN A 163 -10.90 10.65 17.34
C GLN A 163 -10.47 11.23 15.99
N TYR A 164 -10.71 12.53 15.76
CA TYR A 164 -10.26 13.20 14.55
C TYR A 164 -8.72 13.31 14.63
N LYS A 165 -8.02 12.82 13.59
CA LYS A 165 -6.55 12.81 13.55
C LYS A 165 -5.88 14.15 13.86
N TYR A 166 -6.51 15.28 13.45
CA TYR A 166 -6.00 16.65 13.69
C TYR A 166 -5.92 16.94 15.19
N ILE A 167 -7.00 16.66 15.94
CA ILE A 167 -7.09 16.93 17.38
C ILE A 167 -6.14 16.01 18.12
N ARG A 168 -6.08 14.72 17.74
CA ARG A 168 -5.20 13.71 18.35
C ARG A 168 -3.75 14.14 18.20
N SER A 169 -3.41 14.67 17.01
CA SER A 169 -2.09 15.20 16.69
C SER A 169 -1.81 16.43 17.56
N CYS A 170 -2.81 17.35 17.69
CA CYS A 170 -2.70 18.56 18.52
C CYS A 170 -2.45 18.20 19.98
N ILE A 171 -3.14 17.14 20.50
CA ILE A 171 -2.98 16.66 21.88
C ILE A 171 -1.56 16.11 22.09
N MET A 172 -1.14 15.19 21.20
CA MET A 172 0.18 14.54 21.22
C MET A 172 1.35 15.54 21.12
N LEU A 173 1.22 16.56 20.24
CA LEU A 173 2.25 17.57 20.01
C LEU A 173 2.15 18.81 20.92
N GLY A 174 1.11 18.87 21.76
CA GLY A 174 0.87 19.97 22.69
C GLY A 174 0.59 21.29 22.01
N ARG A 175 -0.17 21.22 20.89
CA ARG A 175 -0.56 22.33 20.04
C ARG A 175 -2.03 22.71 20.25
N MET A 176 -2.35 23.98 20.03
CA MET A 176 -3.70 24.51 20.18
C MET A 176 -4.53 24.24 18.93
N PRO A 177 -5.63 23.46 19.01
CA PRO A 177 -6.46 23.22 17.81
C PRO A 177 -7.24 24.46 17.43
N ASN A 178 -7.07 24.90 16.17
CA ASN A 178 -7.77 26.07 15.66
C ASN A 178 -8.80 25.62 14.63
N LEU A 179 -10.09 25.78 14.97
CA LEU A 179 -11.19 25.37 14.09
C LEU A 179 -11.99 26.54 13.61
N MET A 180 -12.53 26.46 12.39
CA MET A 180 -13.32 27.52 11.84
C MET A 180 -14.76 27.09 11.74
N LEU A 181 -15.63 27.87 12.33
CA LEU A 181 -17.06 27.63 12.27
C LEU A 181 -17.54 28.10 10.89
N MET A 182 -18.18 27.20 10.16
CA MET A 182 -18.66 27.50 8.82
C MET A 182 -20.14 27.10 8.67
N ALA A 183 -20.90 27.83 7.83
CA ALA A 183 -22.30 27.50 7.57
C ALA A 183 -22.38 26.26 6.66
N LYS A 184 -23.31 25.33 6.97
CA LYS A 184 -23.51 24.10 6.19
C LYS A 184 -23.80 24.39 4.71
N GLU A 185 -24.71 25.34 4.45
CA GLU A 185 -25.09 25.73 3.10
C GLU A 185 -23.94 26.32 2.28
N SER A 186 -22.98 26.95 2.96
CA SER A 186 -21.79 27.54 2.36
C SER A 186 -20.90 26.42 1.78
N LEU A 187 -20.85 25.26 2.47
CA LEU A 187 -20.12 24.08 2.01
C LEU A 187 -20.90 23.34 0.92
N TYR A 188 -22.21 23.07 1.16
CA TYR A 188 -23.07 22.35 0.23
C TYR A 188 -23.17 22.99 -1.15
N SER A 189 -23.25 24.34 -1.19
CA SER A 189 -23.30 25.10 -2.45
C SER A 189 -22.05 24.85 -3.31
N GLN A 190 -20.85 24.77 -2.66
CA GLN A 190 -19.54 24.51 -3.29
C GLN A 190 -19.58 23.16 -4.05
N LEU A 191 -20.31 22.17 -3.48
CA LEU A 191 -20.40 20.79 -3.96
C LEU A 191 -21.38 20.64 -5.12
N PRO A 192 -20.91 20.24 -6.33
CA PRO A 192 -21.84 20.09 -7.46
C PRO A 192 -22.50 18.71 -7.52
N MET A 193 -23.62 18.61 -8.24
CA MET A 193 -24.30 17.32 -8.40
C MET A 193 -23.70 16.62 -9.59
N ASP A 194 -22.99 15.52 -9.32
CA ASP A 194 -22.32 14.69 -10.29
C ASP A 194 -23.34 13.69 -10.83
N CYS A 195 -24.04 14.06 -11.93
CA CYS A 195 -25.05 13.20 -12.60
C CYS A 195 -24.34 12.25 -13.58
N PHE A 196 -23.94 11.08 -13.03
CA PHE A 196 -23.23 10.00 -13.70
C PHE A 196 -24.02 9.46 -14.90
N THR A 197 -23.33 9.42 -16.04
CA THR A 197 -23.87 8.94 -17.30
C THR A 197 -23.17 7.68 -17.70
N MET A 198 -23.94 6.70 -18.15
CA MET A 198 -23.41 5.42 -18.58
C MET A 198 -22.77 5.57 -19.95
N PRO A 199 -21.55 5.04 -20.16
CA PRO A 199 -20.90 5.18 -21.48
C PRO A 199 -21.57 4.34 -22.58
N SER A 200 -21.25 4.60 -23.85
CA SER A 200 -21.85 3.90 -24.99
C SER A 200 -21.50 2.42 -25.08
N TYR A 201 -20.42 1.99 -24.42
CA TYR A 201 -20.02 0.57 -24.38
C TYR A 201 -20.82 -0.24 -23.34
N SER A 202 -21.69 0.42 -22.57
CA SER A 202 -22.59 -0.24 -21.62
C SER A 202 -23.71 -0.90 -22.43
N ARG A 203 -24.16 -0.21 -23.52
CA ARG A 203 -25.22 -0.60 -24.45
C ARG A 203 -24.97 -1.91 -25.22
N ARG A 204 -23.67 -2.27 -25.47
CA ARG A 204 -23.26 -3.47 -26.20
C ARG A 204 -23.82 -4.79 -25.62
N THR A 216 -19.71 -25.21 -28.65
CA THR A 216 -20.88 -26.07 -28.75
C THR A 216 -21.38 -26.48 -27.33
N SER A 217 -21.81 -27.78 -27.13
CA SER A 217 -22.31 -28.39 -25.88
C SER A 217 -21.38 -28.17 -24.67
N THR A 218 -21.91 -28.20 -23.42
CA THR A 218 -21.09 -27.98 -22.21
C THR A 218 -20.98 -29.25 -21.33
N LYS A 219 -19.75 -29.58 -20.91
CA LYS A 219 -19.43 -30.72 -20.04
C LYS A 219 -18.55 -30.24 -18.87
N SER A 220 -18.72 -30.82 -17.69
CA SER A 220 -17.98 -30.45 -16.49
C SER A 220 -16.53 -30.94 -16.55
N LEU A 221 -15.63 -30.24 -15.85
CA LEU A 221 -14.20 -30.56 -15.75
C LEU A 221 -14.00 -31.95 -15.17
N TRP A 222 -14.78 -32.29 -14.14
CA TRP A 222 -14.66 -33.54 -13.42
C TRP A 222 -15.16 -34.76 -14.17
N VAL A 223 -15.91 -34.57 -15.29
CA VAL A 223 -16.40 -35.69 -16.11
C VAL A 223 -15.48 -35.93 -17.33
N ILE A 224 -14.17 -35.62 -17.15
CA ILE A 224 -13.11 -35.75 -18.16
C ILE A 224 -12.02 -36.70 -17.66
N ASN A 225 -12.20 -38.01 -17.93
CA ASN A 225 -11.23 -39.04 -17.59
C ASN A 225 -10.08 -38.93 -18.59
N SER A 226 -9.10 -38.03 -18.30
CA SER A 226 -7.94 -37.74 -19.16
C SER A 226 -6.83 -36.99 -18.43
N ALA A 227 -5.57 -37.33 -18.74
CA ALA A 227 -4.40 -36.63 -18.19
C ALA A 227 -4.14 -35.36 -19.02
N LEU A 228 -3.41 -34.39 -18.44
CA LEU A 228 -3.14 -33.13 -19.12
C LEU A 228 -2.06 -33.24 -20.19
N ARG A 229 -2.41 -32.83 -21.40
CA ARG A 229 -1.49 -32.71 -22.53
C ARG A 229 -1.64 -31.31 -23.13
N ILE A 230 -0.49 -30.71 -23.50
CA ILE A 230 -0.44 -29.38 -24.13
C ILE A 230 0.51 -29.46 -25.30
N LYS A 231 0.09 -28.95 -26.47
CA LYS A 231 0.89 -28.95 -27.69
C LYS A 231 1.61 -27.65 -27.88
N ILE A 232 2.92 -27.72 -28.10
CA ILE A 232 3.75 -26.55 -28.39
C ILE A 232 3.97 -26.61 -29.90
N LEU A 233 3.45 -25.63 -30.63
CA LEU A 233 3.60 -25.64 -32.07
C LEU A 233 4.93 -25.03 -32.52
N CYS A 234 5.06 -23.70 -32.46
CA CYS A 234 6.24 -22.99 -32.92
C CYS A 234 6.38 -21.60 -32.30
N ALA A 235 7.49 -20.90 -32.62
CA ALA A 235 7.71 -19.53 -32.16
C ALA A 235 8.06 -18.62 -33.33
N THR A 236 7.69 -17.34 -33.22
CA THR A 236 7.98 -16.28 -34.20
C THR A 236 8.58 -15.09 -33.42
N TYR A 237 9.35 -14.21 -34.09
CA TYR A 237 10.04 -13.06 -33.45
C TYR A 237 11.15 -13.51 -32.48
N VAL A 238 11.76 -14.67 -32.77
CA VAL A 238 12.88 -15.25 -32.03
C VAL A 238 14.13 -14.78 -32.79
N ASN A 239 14.51 -13.52 -32.55
CA ASN A 239 15.68 -12.93 -33.19
C ASN A 239 16.83 -12.89 -32.17
N VAL A 240 17.83 -13.77 -32.38
CA VAL A 240 18.99 -13.95 -31.49
C VAL A 240 20.31 -14.15 -32.26
N ASN A 241 21.41 -14.38 -31.49
CA ASN A 241 22.75 -14.65 -31.98
C ASN A 241 22.94 -16.18 -31.95
N ILE A 242 23.29 -16.80 -33.11
CA ILE A 242 23.52 -18.26 -33.26
C ILE A 242 25.04 -18.60 -33.06
N ARG A 243 25.80 -17.58 -32.61
CA ARG A 243 27.23 -17.56 -32.26
C ARG A 243 27.30 -17.74 -30.72
N ASP A 244 26.38 -17.05 -30.02
CA ASP A 244 26.20 -17.06 -28.57
C ASP A 244 25.37 -18.27 -28.12
N ILE A 245 24.45 -18.75 -28.99
CA ILE A 245 23.54 -19.88 -28.70
C ILE A 245 23.79 -21.11 -29.63
N ASP A 246 23.73 -22.33 -29.06
CA ASP A 246 23.92 -23.58 -29.80
C ASP A 246 22.58 -24.17 -30.27
N LYS A 247 21.56 -24.25 -29.36
CA LYS A 247 20.21 -24.78 -29.61
C LYS A 247 19.18 -24.20 -28.62
N ILE A 248 17.86 -24.28 -28.96
CA ILE A 248 16.78 -23.76 -28.10
C ILE A 248 15.61 -24.75 -27.89
N TYR A 249 14.85 -24.54 -26.80
CA TYR A 249 13.70 -25.36 -26.41
C TYR A 249 12.68 -24.58 -25.57
N VAL A 250 11.46 -25.10 -25.49
CA VAL A 250 10.41 -24.51 -24.69
C VAL A 250 10.30 -25.30 -23.41
N ARG A 251 10.54 -24.63 -22.27
CA ARG A 251 10.36 -25.21 -20.95
C ARG A 251 8.94 -24.86 -20.50
N THR A 252 8.20 -25.83 -19.93
CA THR A 252 6.85 -25.61 -19.45
C THR A 252 6.68 -26.23 -18.07
N GLY A 253 5.64 -25.79 -17.35
CA GLY A 253 5.25 -26.30 -16.03
C GLY A 253 3.83 -25.87 -15.70
N ILE A 254 3.15 -26.60 -14.84
CA ILE A 254 1.77 -26.30 -14.39
C ILE A 254 1.90 -25.88 -12.92
N TYR A 255 1.48 -24.64 -12.61
CA TYR A 255 1.62 -23.98 -11.30
C TYR A 255 0.33 -23.56 -10.69
N HIS A 256 0.31 -23.51 -9.37
CA HIS A 256 -0.79 -22.98 -8.55
C HIS A 256 -0.04 -21.99 -7.67
N GLY A 257 -0.08 -20.73 -8.09
CA GLY A 257 0.73 -19.66 -7.53
C GLY A 257 2.14 -19.89 -8.04
N GLY A 258 3.09 -20.01 -7.12
CA GLY A 258 4.48 -20.29 -7.45
C GLY A 258 4.84 -21.74 -7.21
N GLU A 259 3.86 -22.54 -6.73
CA GLU A 259 4.05 -23.96 -6.43
C GLU A 259 3.67 -24.87 -7.60
N PRO A 260 4.58 -25.77 -8.05
CA PRO A 260 4.22 -26.66 -9.15
C PRO A 260 3.21 -27.71 -8.73
N LEU A 261 2.35 -28.08 -9.67
CA LEU A 261 1.34 -29.10 -9.45
C LEU A 261 1.75 -30.44 -10.04
N CYS A 262 2.98 -30.50 -10.56
CA CYS A 262 3.66 -31.65 -11.17
C CYS A 262 5.05 -31.22 -11.65
N ASP A 263 5.85 -32.19 -12.13
CA ASP A 263 7.19 -31.94 -12.66
C ASP A 263 7.11 -31.12 -13.96
N ASN A 264 8.14 -30.28 -14.21
CA ASN A 264 8.28 -29.48 -15.43
C ASN A 264 8.53 -30.41 -16.61
N VAL A 265 8.04 -30.02 -17.79
CA VAL A 265 8.21 -30.79 -19.02
C VAL A 265 8.84 -29.87 -20.03
N ASN A 266 9.95 -30.31 -20.65
CA ASN A 266 10.65 -29.56 -21.70
C ASN A 266 10.47 -30.23 -23.04
N THR A 267 10.52 -29.43 -24.11
CA THR A 267 10.47 -29.93 -25.48
C THR A 267 11.88 -30.38 -25.86
N GLN A 268 11.99 -31.00 -27.04
CA GLN A 268 13.30 -31.39 -27.55
C GLN A 268 14.00 -30.15 -28.09
N ARG A 269 15.32 -30.21 -28.18
CA ARG A 269 16.15 -29.11 -28.66
C ARG A 269 16.03 -28.93 -30.19
N VAL A 270 15.85 -27.68 -30.62
CA VAL A 270 15.75 -27.30 -32.04
C VAL A 270 16.63 -26.05 -32.31
N PRO A 271 17.25 -25.92 -33.54
CA PRO A 271 18.07 -24.73 -33.82
C PRO A 271 17.19 -23.48 -33.92
N CYS A 272 17.70 -22.33 -33.44
CA CYS A 272 17.05 -21.01 -33.38
C CYS A 272 16.59 -20.48 -34.74
N SER A 273 17.20 -21.02 -35.81
CA SER A 273 16.92 -20.73 -37.22
C SER A 273 15.54 -21.24 -37.66
N ASN A 274 15.02 -22.29 -36.99
CA ASN A 274 13.71 -22.89 -37.25
C ASN A 274 13.02 -23.37 -35.94
N PRO A 275 12.44 -22.44 -35.15
CA PRO A 275 11.81 -22.88 -33.89
C PRO A 275 10.41 -23.47 -34.11
N ARG A 276 10.35 -24.75 -34.51
CA ARG A 276 9.10 -25.49 -34.76
C ARG A 276 9.15 -26.86 -34.05
N TRP A 277 8.49 -26.96 -32.90
CA TRP A 277 8.49 -28.17 -32.08
C TRP A 277 7.41 -29.16 -32.48
N ASN A 278 6.15 -28.68 -32.56
CA ASN A 278 4.94 -29.46 -32.89
C ASN A 278 4.82 -30.73 -32.02
N GLU A 279 5.16 -30.61 -30.72
CA GLU A 279 5.22 -31.67 -29.71
C GLU A 279 4.09 -31.58 -28.69
N TRP A 280 3.47 -32.74 -28.37
CA TRP A 280 2.47 -32.83 -27.31
C TRP A 280 3.18 -33.19 -25.99
N LEU A 281 3.31 -32.19 -25.09
CA LEU A 281 3.94 -32.41 -23.80
C LEU A 281 2.95 -33.05 -22.83
N ASN A 282 3.37 -34.16 -22.17
CA ASN A 282 2.55 -34.92 -21.22
C ASN A 282 2.92 -34.66 -19.76
N TYR A 283 1.96 -34.08 -18.98
CA TYR A 283 2.10 -33.68 -17.58
C TYR A 283 1.47 -34.65 -16.62
N ASP A 284 2.08 -34.78 -15.43
CA ASP A 284 1.65 -35.66 -14.32
C ASP A 284 0.45 -35.05 -13.54
N ILE A 285 -0.70 -34.84 -14.22
CA ILE A 285 -1.89 -34.28 -13.57
C ILE A 285 -3.14 -34.69 -14.32
N TYR A 286 -4.10 -35.21 -13.56
CA TYR A 286 -5.41 -35.63 -14.02
C TYR A 286 -6.20 -34.35 -14.21
N ILE A 287 -6.87 -34.17 -15.37
CA ILE A 287 -7.62 -32.94 -15.75
C ILE A 287 -8.67 -32.54 -14.62
N PRO A 288 -9.51 -33.46 -14.09
CA PRO A 288 -10.39 -33.12 -12.95
C PRO A 288 -9.71 -32.58 -11.66
N ASP A 289 -8.40 -32.92 -11.45
CA ASP A 289 -7.60 -32.48 -10.29
C ASP A 289 -6.98 -31.08 -10.49
N LEU A 290 -7.16 -30.47 -11.69
CA LEU A 290 -6.67 -29.11 -11.99
C LEU A 290 -7.37 -28.10 -11.10
N PRO A 291 -6.65 -27.41 -10.18
CA PRO A 291 -7.31 -26.38 -9.34
C PRO A 291 -7.75 -25.17 -10.18
N ARG A 292 -8.72 -24.41 -9.68
CA ARG A 292 -9.25 -23.27 -10.41
C ARG A 292 -8.17 -22.26 -10.86
N ALA A 293 -7.19 -21.96 -9.96
CA ALA A 293 -6.13 -21.02 -10.27
C ALA A 293 -4.91 -21.64 -10.98
N ALA A 294 -5.09 -22.83 -11.61
CA ALA A 294 -4.01 -23.51 -12.34
C ALA A 294 -3.55 -22.73 -13.57
N ARG A 295 -2.23 -22.64 -13.75
CA ARG A 295 -1.61 -21.89 -14.82
C ARG A 295 -0.55 -22.65 -15.56
N LEU A 296 -0.47 -22.43 -16.89
CA LEU A 296 0.62 -22.94 -17.68
C LEU A 296 1.69 -21.88 -17.64
N CYS A 297 2.87 -22.22 -17.12
CA CYS A 297 4.05 -21.35 -17.06
C CYS A 297 5.00 -21.88 -18.07
N LEU A 298 5.50 -21.01 -18.94
CA LEU A 298 6.45 -21.43 -19.96
C LEU A 298 7.54 -20.39 -20.21
N SER A 299 8.55 -20.78 -20.97
CA SER A 299 9.70 -19.96 -21.36
C SER A 299 10.48 -20.62 -22.50
N ILE A 300 11.05 -19.79 -23.39
CA ILE A 300 11.95 -20.27 -24.44
C ILE A 300 13.35 -20.15 -23.84
N CYS A 301 14.06 -21.27 -23.75
CA CYS A 301 15.41 -21.32 -23.18
C CYS A 301 16.43 -21.64 -24.24
N SER A 302 17.70 -21.36 -23.92
CA SER A 302 18.87 -21.66 -24.74
C SER A 302 19.85 -22.52 -23.91
N VAL A 303 20.53 -23.47 -24.57
CA VAL A 303 21.55 -24.31 -23.95
C VAL A 303 22.78 -24.30 -24.86
N LYS A 304 23.95 -23.89 -24.32
CA LYS A 304 25.20 -23.83 -25.11
C LYS A 304 26.25 -24.84 -24.61
N LYS A 310 29.79 -29.75 -17.95
CA LYS A 310 28.34 -29.53 -17.90
C LYS A 310 27.90 -28.52 -18.96
N GLU A 311 26.57 -28.42 -19.16
CA GLU A 311 25.93 -27.50 -20.11
C GLU A 311 25.32 -26.32 -19.37
N GLU A 312 25.09 -25.19 -20.07
CA GLU A 312 24.55 -23.97 -19.49
C GLU A 312 23.19 -23.57 -20.08
N HIS A 313 22.13 -23.78 -19.29
CA HIS A 313 20.76 -23.44 -19.62
C HIS A 313 20.49 -22.00 -19.24
N CYS A 314 19.71 -21.28 -20.08
CA CYS A 314 19.41 -19.87 -19.87
C CYS A 314 18.07 -19.41 -20.48
N PRO A 315 17.16 -18.76 -19.68
CA PRO A 315 15.89 -18.29 -20.27
C PRO A 315 16.05 -17.07 -21.18
N LEU A 316 15.38 -17.09 -22.36
CA LEU A 316 15.41 -16.02 -23.37
C LEU A 316 14.21 -15.12 -23.23
N ALA A 317 13.01 -15.73 -23.12
CA ALA A 317 11.72 -15.06 -22.92
C ALA A 317 10.76 -15.98 -22.15
N TRP A 318 9.84 -15.37 -21.37
CA TRP A 318 8.88 -16.11 -20.55
C TRP A 318 7.43 -15.66 -20.74
N GLY A 319 6.49 -16.51 -20.36
CA GLY A 319 5.06 -16.22 -20.45
C GLY A 319 4.21 -17.17 -19.62
N ASN A 320 3.17 -16.63 -18.94
CA ASN A 320 2.23 -17.43 -18.14
C ASN A 320 0.80 -17.31 -18.67
N ILE A 321 0.05 -18.41 -18.60
CA ILE A 321 -1.34 -18.50 -19.08
C ILE A 321 -2.21 -19.17 -18.03
N ASN A 322 -3.42 -18.64 -17.82
CA ASN A 322 -4.41 -19.29 -16.95
C ASN A 322 -5.02 -20.40 -17.77
N LEU A 323 -5.04 -21.62 -17.20
CA LEU A 323 -5.63 -22.81 -17.84
C LEU A 323 -7.15 -22.73 -17.90
N PHE A 324 -7.74 -21.80 -17.14
CA PHE A 324 -9.18 -21.52 -17.20
C PHE A 324 -9.34 -20.04 -17.50
N ASP A 325 -10.22 -19.67 -18.43
CA ASP A 325 -10.44 -18.26 -18.75
C ASP A 325 -11.37 -17.62 -17.69
N TYR A 326 -11.67 -16.31 -17.85
CA TYR A 326 -12.49 -15.56 -16.90
C TYR A 326 -13.90 -16.08 -16.74
N THR A 327 -14.40 -16.86 -17.72
CA THR A 327 -15.77 -17.43 -17.70
C THR A 327 -15.80 -18.86 -17.10
N ASP A 328 -14.70 -19.29 -16.44
CA ASP A 328 -14.51 -20.62 -15.86
C ASP A 328 -14.31 -21.73 -16.94
N THR A 329 -14.06 -21.33 -18.21
CA THR A 329 -13.88 -22.30 -19.30
C THR A 329 -12.42 -22.72 -19.40
N LEU A 330 -12.20 -24.04 -19.51
CA LEU A 330 -10.89 -24.64 -19.69
C LEU A 330 -10.42 -24.28 -21.13
N VAL A 331 -9.16 -23.82 -21.25
CA VAL A 331 -8.59 -23.30 -22.50
C VAL A 331 -8.56 -24.38 -23.52
N SER A 332 -9.04 -24.08 -24.73
CA SER A 332 -9.07 -25.06 -25.81
C SER A 332 -8.74 -24.45 -27.15
N GLY A 333 -8.31 -25.30 -28.07
CA GLY A 333 -7.95 -24.90 -29.41
C GLY A 333 -6.59 -24.27 -29.46
N LYS A 334 -6.35 -23.50 -30.51
CA LYS A 334 -5.08 -22.82 -30.76
C LYS A 334 -5.03 -21.51 -29.99
N MET A 335 -3.83 -21.15 -29.54
CA MET A 335 -3.57 -19.92 -28.80
C MET A 335 -2.16 -19.44 -29.10
N ALA A 336 -1.95 -18.13 -29.08
CA ALA A 336 -0.65 -17.56 -29.34
C ALA A 336 -0.30 -16.65 -28.18
N LEU A 337 0.88 -16.86 -27.60
CA LEU A 337 1.29 -16.07 -26.45
C LEU A 337 2.55 -15.29 -26.74
N ASN A 338 2.46 -13.93 -26.69
CA ASN A 338 3.60 -13.04 -26.86
C ASN A 338 4.31 -12.99 -25.51
N LEU A 339 5.59 -13.33 -25.52
CA LEU A 339 6.43 -13.48 -24.35
C LEU A 339 7.07 -12.18 -23.87
N TRP A 340 7.60 -12.21 -22.64
CA TRP A 340 8.21 -11.10 -21.91
C TRP A 340 9.72 -11.28 -21.81
N PRO A 341 10.46 -10.16 -21.63
CA PRO A 341 11.91 -10.27 -21.43
C PRO A 341 12.22 -10.73 -19.99
N VAL A 342 13.34 -11.46 -19.84
CA VAL A 342 13.75 -11.95 -18.53
C VAL A 342 14.18 -10.79 -17.58
N PRO A 343 13.59 -10.66 -16.35
CA PRO A 343 14.03 -9.60 -15.43
C PRO A 343 15.35 -10.03 -14.77
N HIS A 344 16.34 -9.11 -14.65
CA HIS A 344 17.62 -9.51 -14.06
C HIS A 344 17.43 -9.97 -12.61
N GLY A 345 18.01 -11.14 -12.31
CA GLY A 345 17.91 -11.81 -11.02
C GLY A 345 16.96 -13.00 -11.08
N LEU A 346 16.76 -13.54 -12.30
CA LEU A 346 15.91 -14.70 -12.53
C LEU A 346 16.77 -15.94 -12.40
N GLU A 347 16.53 -16.70 -11.31
CA GLU A 347 17.27 -17.91 -10.90
C GLU A 347 16.79 -19.21 -11.57
N ASP A 348 15.47 -19.38 -11.71
CA ASP A 348 14.89 -20.56 -12.36
C ASP A 348 14.76 -20.30 -13.88
N LEU A 349 14.45 -21.35 -14.65
CA LEU A 349 14.24 -21.20 -16.08
C LEU A 349 12.83 -20.65 -16.35
N LEU A 350 11.90 -20.83 -15.38
CA LEU A 350 10.51 -20.37 -15.43
C LEU A 350 10.31 -19.23 -14.44
N ASN A 351 9.32 -18.36 -14.72
CA ASN A 351 8.96 -17.22 -13.89
C ASN A 351 7.47 -17.35 -13.51
N PRO A 352 7.14 -18.26 -12.57
CA PRO A 352 5.73 -18.44 -12.20
C PRO A 352 5.13 -17.29 -11.44
N ILE A 353 5.94 -16.41 -10.84
CA ILE A 353 5.33 -15.30 -10.11
C ILE A 353 4.90 -14.23 -11.06
N GLY A 354 5.60 -14.13 -12.19
CA GLY A 354 5.33 -13.15 -13.24
C GLY A 354 3.89 -13.03 -13.71
N VAL A 355 3.61 -11.92 -14.41
CA VAL A 355 2.31 -11.55 -14.96
C VAL A 355 1.77 -12.62 -15.90
N THR A 356 0.47 -12.88 -15.82
CA THR A 356 -0.22 -13.85 -16.67
C THR A 356 -0.92 -13.12 -17.81
N GLY A 357 -0.73 -13.63 -19.03
CA GLY A 357 -1.32 -13.03 -20.21
C GLY A 357 -0.29 -12.62 -21.24
N SER A 358 -0.76 -12.32 -22.46
CA SER A 358 0.10 -11.93 -23.57
C SER A 358 0.72 -10.55 -23.40
N ASN A 359 1.97 -10.41 -23.87
CA ASN A 359 2.69 -9.15 -23.88
C ASN A 359 1.94 -8.21 -24.81
N PRO A 360 1.56 -6.97 -24.36
CA PRO A 360 0.85 -6.05 -25.28
C PRO A 360 1.69 -5.68 -26.53
N ASN A 361 3.05 -5.66 -26.40
CA ASN A 361 3.97 -5.42 -27.50
C ASN A 361 3.99 -6.71 -28.31
N LYS A 362 3.50 -6.63 -29.56
CA LYS A 362 3.41 -7.78 -30.45
C LYS A 362 4.67 -7.99 -31.31
N GLU A 363 5.70 -7.15 -31.11
CA GLU A 363 7.02 -7.26 -31.76
C GLU A 363 8.02 -7.97 -30.82
N THR A 364 7.53 -9.02 -30.13
CA THR A 364 8.23 -9.85 -29.13
C THR A 364 8.06 -11.35 -29.45
N PRO A 365 8.95 -12.23 -28.93
CA PRO A 365 8.82 -13.67 -29.19
C PRO A 365 7.39 -14.15 -28.96
N CYS A 366 6.84 -14.86 -29.93
CA CYS A 366 5.45 -15.30 -29.90
C CYS A 366 5.29 -16.80 -30.09
N LEU A 367 5.06 -17.51 -28.99
CA LEU A 367 4.88 -18.96 -29.02
C LEU A 367 3.44 -19.36 -29.35
N GLU A 368 3.28 -20.25 -30.33
CA GLU A 368 2.01 -20.80 -30.80
C GLU A 368 1.75 -22.09 -30.03
N LEU A 369 0.60 -22.17 -29.37
CA LEU A 369 0.21 -23.31 -28.54
C LEU A 369 -1.12 -23.87 -28.96
N GLU A 370 -1.35 -25.13 -28.62
CA GLU A 370 -2.62 -25.79 -28.85
C GLU A 370 -2.95 -26.65 -27.65
N PHE A 371 -4.16 -26.47 -27.14
CA PHE A 371 -4.66 -27.21 -25.99
C PHE A 371 -5.55 -28.31 -26.47
N ASP A 372 -5.90 -29.25 -25.58
CA ASP A 372 -6.76 -30.39 -25.92
C ASP A 372 -8.17 -29.97 -26.36
N TRP A 373 -8.88 -30.88 -27.04
CA TRP A 373 -10.23 -30.69 -27.53
C TRP A 373 -11.08 -31.88 -27.10
N PHE A 374 -12.23 -31.60 -26.48
CA PHE A 374 -13.11 -32.67 -25.98
C PHE A 374 -14.51 -32.66 -26.60
N SER A 375 -14.64 -32.01 -27.79
CA SER A 375 -15.88 -31.88 -28.59
C SER A 375 -17.02 -31.11 -27.86
N SER A 376 -16.65 -30.38 -26.79
CA SER A 376 -17.56 -29.63 -25.94
C SER A 376 -16.79 -28.59 -25.13
N VAL A 377 -17.54 -27.60 -24.60
CA VAL A 377 -17.06 -26.51 -23.76
C VAL A 377 -16.91 -27.08 -22.36
N VAL A 378 -15.67 -27.17 -21.90
CA VAL A 378 -15.33 -27.70 -20.59
C VAL A 378 -15.35 -26.54 -19.60
N LYS A 379 -16.20 -26.62 -18.58
CA LYS A 379 -16.30 -25.58 -17.55
C LYS A 379 -15.91 -26.08 -16.17
N PHE A 380 -15.35 -25.18 -15.32
CA PHE A 380 -15.03 -25.54 -13.95
C PHE A 380 -16.35 -25.77 -13.19
N PRO A 381 -16.47 -26.84 -12.35
CA PRO A 381 -17.74 -27.11 -11.67
C PRO A 381 -18.28 -26.04 -10.73
N ASP A 382 -19.63 -25.99 -10.65
CA ASP A 382 -20.48 -25.12 -9.83
C ASP A 382 -20.22 -25.46 -8.35
N MET A 383 -20.46 -24.49 -7.43
CA MET A 383 -20.27 -24.72 -5.99
C MET A 383 -21.17 -25.83 -5.42
N SER A 384 -22.33 -26.08 -6.05
CA SER A 384 -23.23 -27.14 -5.64
C SER A 384 -22.57 -28.50 -5.93
N VAL A 385 -21.83 -28.62 -7.06
CA VAL A 385 -21.11 -29.83 -7.48
C VAL A 385 -19.89 -30.01 -6.57
N ILE A 386 -19.26 -28.91 -6.18
CA ILE A 386 -18.11 -28.95 -5.27
C ILE A 386 -18.55 -29.38 -3.86
N GLU A 387 -19.69 -28.82 -3.37
CA GLU A 387 -20.29 -29.12 -2.06
C GLU A 387 -20.73 -30.60 -1.99
N GLU A 388 -21.36 -31.12 -3.08
CA GLU A 388 -21.79 -32.51 -3.23
C GLU A 388 -20.60 -33.43 -3.06
N HIS A 389 -19.49 -33.09 -3.75
CA HIS A 389 -18.26 -33.86 -3.69
C HIS A 389 -17.57 -33.79 -2.34
N ALA A 390 -17.49 -32.58 -1.73
CA ALA A 390 -16.89 -32.39 -0.41
C ALA A 390 -17.66 -33.19 0.66
N ASN A 391 -19.02 -33.12 0.64
CA ASN A 391 -19.90 -33.88 1.54
C ASN A 391 -19.64 -35.37 1.33
N TRP A 392 -19.45 -35.80 0.06
CA TRP A 392 -19.15 -37.19 -0.27
C TRP A 392 -17.78 -37.62 0.35
N SER A 393 -16.77 -36.75 0.25
CA SER A 393 -15.43 -37.03 0.80
C SER A 393 -15.45 -37.12 2.34
N VAL A 394 -16.01 -36.09 3.02
CA VAL A 394 -16.13 -35.98 4.49
C VAL A 394 -16.85 -37.20 5.07
N SER A 395 -17.97 -37.60 4.47
CA SER A 395 -18.76 -38.74 4.93
C SER A 395 -18.03 -40.07 4.73
N ARG A 396 -17.35 -40.22 3.58
CA ARG A 396 -16.56 -41.42 3.26
C ARG A 396 -15.39 -41.57 4.25
N GLU A 397 -14.67 -40.44 4.54
CA GLU A 397 -13.54 -40.38 5.47
C GLU A 397 -13.94 -40.69 6.90
N ALA A 398 -15.12 -40.22 7.31
CA ALA A 398 -15.70 -40.49 8.63
C ALA A 398 -15.99 -41.96 8.83
N GLY A 399 -16.26 -42.68 7.72
CA GLY A 399 -16.56 -44.12 7.70
C GLY A 399 -15.34 -45.03 7.68
N PHE A 400 -14.13 -44.48 7.35
CA PHE A 400 -12.87 -45.24 7.33
C PHE A 400 -12.52 -45.90 8.66
N SER A 401 -12.12 -47.18 8.60
CA SER A 401 -11.66 -48.01 9.71
C SER A 401 -10.29 -47.54 10.27
N TYR A 402 -9.84 -48.12 11.41
CA TYR A 402 -8.55 -47.86 12.04
C TYR A 402 -7.39 -48.05 11.00
N SER A 403 -7.33 -49.27 10.39
CA SER A 403 -6.38 -49.74 9.39
C SER A 403 -6.34 -48.91 8.14
N HIS A 404 -7.53 -48.52 7.61
CA HIS A 404 -7.70 -47.70 6.41
C HIS A 404 -7.09 -46.37 6.66
N ALA A 405 -7.49 -45.70 7.78
CA ALA A 405 -6.92 -44.38 8.16
C ALA A 405 -5.38 -44.45 8.29
N GLY A 406 -4.87 -45.64 8.65
CA GLY A 406 -3.46 -45.95 8.78
C GLY A 406 -2.67 -45.84 7.50
N LEU A 407 -3.35 -46.02 6.35
CA LEU A 407 -2.75 -45.96 5.02
C LEU A 407 -2.26 -44.56 4.61
N SER A 408 -2.63 -43.50 5.36
CA SER A 408 -2.22 -42.13 5.05
C SER A 408 -2.13 -41.28 6.31
N ASN A 409 -1.10 -40.39 6.34
CA ASN A 409 -0.91 -39.46 7.44
C ASN A 409 -1.84 -38.26 7.29
N ARG A 410 -2.46 -38.13 6.10
CA ARG A 410 -3.44 -37.10 5.77
C ARG A 410 -4.89 -37.54 6.16
N LEU A 411 -5.02 -38.75 6.75
CA LEU A 411 -6.24 -39.33 7.29
C LEU A 411 -6.05 -39.55 8.78
N ALA A 412 -6.90 -38.90 9.59
CA ALA A 412 -6.90 -39.07 11.05
C ALA A 412 -8.28 -39.53 11.55
N ARG A 413 -8.26 -40.48 12.50
CA ARG A 413 -9.45 -41.01 13.14
C ARG A 413 -9.96 -39.99 14.15
N ASP A 414 -11.28 -39.94 14.35
CA ASP A 414 -11.90 -39.07 15.37
C ASP A 414 -11.64 -39.79 16.69
N ASN A 415 -11.60 -39.04 17.81
CA ASN A 415 -11.25 -39.55 19.14
C ASN A 415 -9.72 -39.83 19.21
N GLU A 416 -8.94 -39.17 18.31
CA GLU A 416 -7.48 -39.23 18.23
C GLU A 416 -6.91 -37.79 18.04
N LEU A 417 -7.56 -36.83 18.73
CA LEU A 417 -7.13 -35.44 18.85
C LEU A 417 -6.89 -35.20 20.33
N ARG A 418 -5.65 -35.50 20.79
CA ARG A 418 -5.22 -35.37 22.18
C ARG A 418 -5.02 -33.88 22.54
N GLU A 419 -4.77 -33.57 23.84
CA GLU A 419 -4.51 -32.18 24.24
C GLU A 419 -3.13 -31.72 23.76
N ASN A 420 -2.23 -32.68 23.47
CA ASN A 420 -0.90 -32.44 22.92
C ASN A 420 -1.01 -31.99 21.44
N ASP A 421 -1.90 -32.65 20.66
CA ASP A 421 -2.22 -32.37 19.24
C ASP A 421 -2.78 -30.96 19.09
N LYS A 422 -3.71 -30.58 19.98
CA LYS A 422 -4.37 -29.27 20.02
C LYS A 422 -3.38 -28.18 20.36
N GLU A 423 -2.48 -28.46 21.30
CA GLU A 423 -1.46 -27.51 21.73
C GLU A 423 -0.35 -27.36 20.68
N GLN A 424 -0.08 -28.43 19.88
CA GLN A 424 0.89 -28.43 18.78
C GLN A 424 0.34 -27.58 17.65
N LEU A 425 -0.99 -27.70 17.35
CA LEU A 425 -1.66 -26.90 16.32
C LEU A 425 -1.63 -25.43 16.70
N LYS A 426 -1.85 -25.13 18.00
CA LYS A 426 -1.78 -23.75 18.47
C LYS A 426 -0.35 -23.20 18.33
N ALA A 427 0.67 -24.00 18.65
CA ALA A 427 2.06 -23.59 18.52
C ALA A 427 2.43 -23.33 17.06
N ILE A 428 1.92 -24.15 16.14
CA ILE A 428 2.17 -23.97 14.70
C ILE A 428 1.54 -22.66 14.23
N SER A 429 0.33 -22.31 14.72
CA SER A 429 -0.40 -21.10 14.31
C SER A 429 0.32 -19.80 14.69
N THR A 430 1.03 -19.79 15.84
CA THR A 430 1.80 -18.63 16.33
C THR A 430 3.04 -18.30 15.47
N ARG A 431 3.62 -19.30 14.80
CA ARG A 431 4.78 -19.14 13.92
C ARG A 431 4.56 -18.08 12.85
N ASP A 432 5.62 -17.34 12.49
CA ASP A 432 5.54 -16.26 11.52
C ASP A 432 5.26 -16.80 10.09
N PRO A 433 4.80 -15.93 9.14
CA PRO A 433 4.52 -16.41 7.78
C PRO A 433 5.73 -16.95 7.02
N LEU A 434 6.94 -16.52 7.39
CA LEU A 434 8.16 -16.95 6.72
C LEU A 434 8.75 -18.24 7.27
N SER A 435 8.09 -18.79 8.31
CA SER A 435 8.50 -20.04 8.94
C SER A 435 8.07 -21.23 8.10
N GLU A 436 9.01 -22.15 7.81
CA GLU A 436 8.75 -23.36 7.02
C GLU A 436 7.87 -24.36 7.76
N ILE A 437 6.86 -24.85 7.05
CA ILE A 437 5.95 -25.87 7.57
C ILE A 437 6.41 -27.16 6.89
N THR A 438 6.95 -28.10 7.68
CA THR A 438 7.46 -29.37 7.18
C THR A 438 6.30 -30.23 6.62
N GLU A 439 6.63 -31.20 5.72
CA GLU A 439 5.61 -32.08 5.12
C GLU A 439 4.86 -32.84 6.15
N GLN A 440 5.55 -33.23 7.27
CA GLN A 440 4.99 -33.92 8.43
C GLN A 440 3.91 -33.04 9.11
N GLU A 441 4.21 -31.72 9.27
CA GLU A 441 3.30 -30.73 9.87
C GLU A 441 2.14 -30.44 8.93
N LYS A 442 2.40 -30.45 7.60
CA LYS A 442 1.37 -30.24 6.59
C LYS A 442 0.34 -31.37 6.63
N ASP A 443 0.77 -32.64 6.71
CA ASP A 443 -0.14 -33.78 6.82
C ASP A 443 -0.94 -33.63 8.11
N PHE A 444 -0.25 -33.22 9.18
CA PHE A 444 -0.79 -33.02 10.51
C PHE A 444 -1.88 -31.95 10.50
N LEU A 445 -1.60 -30.79 9.89
CA LEU A 445 -2.55 -29.68 9.83
C LEU A 445 -3.79 -30.06 9.04
N TRP A 446 -3.57 -30.69 7.87
CA TRP A 446 -4.65 -31.16 7.03
C TRP A 446 -5.51 -32.23 7.73
N SER A 447 -4.88 -33.25 8.34
CA SER A 447 -5.62 -34.30 9.03
C SER A 447 -6.51 -33.77 10.18
N HIS A 448 -6.11 -32.61 10.77
CA HIS A 448 -6.80 -31.93 11.87
C HIS A 448 -7.47 -30.63 11.45
N ARG A 449 -7.78 -30.48 10.14
CA ARG A 449 -8.45 -29.30 9.55
C ARG A 449 -9.76 -28.88 10.24
N HIS A 450 -10.55 -29.82 10.76
CA HIS A 450 -11.82 -29.52 11.40
C HIS A 450 -11.63 -28.87 12.76
N TYR A 451 -10.56 -29.29 13.49
CA TYR A 451 -10.18 -28.65 14.74
C TYR A 451 -9.64 -27.24 14.45
N CYS A 452 -8.99 -27.07 13.30
CA CYS A 452 -8.41 -25.79 12.92
C CYS A 452 -9.40 -24.68 12.80
N VAL A 453 -10.69 -25.01 12.62
CA VAL A 453 -11.79 -24.04 12.54
C VAL A 453 -11.89 -23.29 13.90
N THR A 454 -11.62 -24.00 15.03
CA THR A 454 -11.59 -23.44 16.40
C THR A 454 -10.36 -22.51 16.67
N ILE A 455 -9.35 -22.51 15.77
CA ILE A 455 -8.19 -21.61 15.81
C ILE A 455 -8.22 -20.84 14.45
N PRO A 456 -9.13 -19.87 14.23
CA PRO A 456 -9.27 -19.28 12.88
C PRO A 456 -7.99 -18.71 12.25
N GLU A 457 -7.09 -18.15 13.07
CA GLU A 457 -5.81 -17.58 12.62
C GLU A 457 -4.88 -18.57 11.97
N ILE A 458 -5.10 -19.89 12.15
CA ILE A 458 -4.22 -20.91 11.55
C ILE A 458 -4.46 -21.07 10.02
N LEU A 459 -5.54 -20.43 9.49
CA LEU A 459 -5.98 -20.57 8.10
C LEU A 459 -4.86 -20.46 7.07
N PRO A 460 -3.95 -19.47 7.13
CA PRO A 460 -2.87 -19.40 6.14
C PRO A 460 -1.98 -20.66 6.10
N LYS A 461 -1.75 -21.27 7.27
CA LYS A 461 -0.90 -22.45 7.41
C LYS A 461 -1.63 -23.71 6.91
N LEU A 462 -2.92 -23.84 7.24
CA LEU A 462 -3.75 -24.96 6.78
C LEU A 462 -3.88 -24.92 5.24
N LEU A 463 -4.00 -23.71 4.65
CA LEU A 463 -4.12 -23.53 3.21
C LEU A 463 -2.86 -23.93 2.49
N LEU A 464 -1.70 -23.72 3.14
CA LEU A 464 -0.40 -24.12 2.58
C LEU A 464 -0.17 -25.62 2.72
N SER A 465 -0.94 -26.28 3.62
CA SER A 465 -0.90 -27.72 3.87
C SER A 465 -1.77 -28.56 2.93
N VAL A 466 -2.73 -27.93 2.21
CA VAL A 466 -3.60 -28.56 1.21
C VAL A 466 -2.78 -29.01 -0.04
N LYS A 467 -3.16 -30.17 -0.61
CA LYS A 467 -2.64 -30.68 -1.87
C LYS A 467 -3.60 -30.08 -2.92
N TRP A 468 -3.15 -28.99 -3.55
CA TRP A 468 -3.95 -28.22 -4.52
C TRP A 468 -4.15 -28.94 -5.84
N ASN A 469 -3.51 -30.12 -5.99
CA ASN A 469 -3.56 -30.97 -7.18
C ASN A 469 -4.45 -32.18 -6.90
N SER A 470 -5.30 -32.07 -5.86
CA SER A 470 -6.23 -33.13 -5.44
C SER A 470 -7.64 -32.53 -5.29
N ARG A 471 -8.57 -32.84 -6.23
CA ARG A 471 -9.93 -32.29 -6.18
C ARG A 471 -10.68 -32.65 -4.91
N ASP A 472 -10.43 -33.85 -4.35
CA ASP A 472 -11.02 -34.35 -3.12
C ASP A 472 -10.69 -33.46 -1.91
N GLU A 473 -9.44 -32.98 -1.83
CA GLU A 473 -9.00 -32.10 -0.73
C GLU A 473 -9.47 -30.67 -0.93
N VAL A 474 -9.26 -30.14 -2.14
CA VAL A 474 -9.63 -28.78 -2.49
C VAL A 474 -11.13 -28.55 -2.30
N ALA A 475 -11.97 -29.50 -2.75
CA ALA A 475 -13.42 -29.39 -2.60
C ALA A 475 -13.82 -29.25 -1.12
N GLN A 476 -13.11 -29.97 -0.22
CA GLN A 476 -13.31 -29.92 1.22
C GLN A 476 -12.79 -28.64 1.81
N MET A 477 -11.66 -28.13 1.28
CA MET A 477 -11.08 -26.86 1.71
C MET A 477 -12.07 -25.75 1.38
N TYR A 478 -12.69 -25.77 0.15
CA TYR A 478 -13.68 -24.79 -0.29
C TYR A 478 -14.82 -24.64 0.69
N CYS A 479 -15.35 -25.80 1.16
CA CYS A 479 -16.42 -25.88 2.13
C CYS A 479 -15.98 -25.42 3.49
N LEU A 480 -14.71 -25.67 3.85
CA LEU A 480 -14.19 -25.18 5.14
C LEU A 480 -14.04 -23.62 5.09
N VAL A 481 -13.48 -23.10 3.98
CA VAL A 481 -13.30 -21.67 3.72
C VAL A 481 -14.67 -20.94 3.71
N LYS A 482 -15.72 -21.57 3.11
CA LYS A 482 -17.08 -21.01 3.03
C LYS A 482 -17.64 -20.68 4.43
N ASP A 483 -17.54 -21.64 5.36
CA ASP A 483 -18.01 -21.53 6.73
C ASP A 483 -16.83 -21.26 7.70
N TRP A 484 -15.79 -20.56 7.23
CA TRP A 484 -14.65 -20.23 8.07
C TRP A 484 -14.92 -18.95 8.82
N PRO A 485 -14.70 -18.98 10.15
CA PRO A 485 -14.91 -17.75 10.95
C PRO A 485 -14.06 -16.56 10.53
N PRO A 486 -14.48 -15.32 10.84
CA PRO A 486 -13.66 -14.17 10.40
C PRO A 486 -12.37 -14.00 11.15
N ILE A 487 -11.39 -13.51 10.42
CA ILE A 487 -10.05 -13.20 10.93
C ILE A 487 -9.80 -11.70 10.79
N LYS A 488 -8.84 -11.16 11.58
CA LYS A 488 -8.47 -9.73 11.58
C LYS A 488 -8.08 -9.26 10.16
N PRO A 489 -8.39 -8.01 9.79
CA PRO A 489 -8.02 -7.52 8.44
C PRO A 489 -6.57 -7.73 8.10
N GLU A 490 -5.65 -7.54 9.10
CA GLU A 490 -4.20 -7.71 8.93
C GLU A 490 -3.85 -9.15 8.70
N GLN A 491 -4.57 -10.09 9.36
CA GLN A 491 -4.41 -11.53 9.17
C GLN A 491 -4.95 -11.93 7.78
N ALA A 492 -6.11 -11.36 7.39
CA ALA A 492 -6.73 -11.53 6.08
C ALA A 492 -5.83 -11.02 4.92
N MET A 493 -5.06 -9.94 5.11
CA MET A 493 -4.24 -9.36 4.05
C MET A 493 -3.20 -10.30 3.49
N GLU A 494 -2.60 -11.15 4.36
CA GLU A 494 -1.64 -12.20 4.00
C GLU A 494 -2.25 -13.13 2.92
N LEU A 495 -3.56 -13.43 3.03
CA LEU A 495 -4.26 -14.31 2.09
C LEU A 495 -4.50 -13.71 0.70
N LEU A 496 -4.01 -12.47 0.48
CA LEU A 496 -4.10 -11.80 -0.81
C LEU A 496 -2.75 -11.72 -1.53
N ASP A 497 -1.67 -12.17 -0.88
CA ASP A 497 -0.36 -12.15 -1.50
C ASP A 497 -0.20 -13.32 -2.53
N CYS A 498 1.01 -13.47 -3.07
CA CYS A 498 1.33 -14.45 -4.12
C CYS A 498 1.24 -15.89 -3.67
N ASN A 499 1.21 -16.13 -2.35
CA ASN A 499 1.15 -17.49 -1.82
C ASN A 499 -0.25 -18.05 -1.87
N TYR A 500 -1.24 -17.20 -2.10
CA TYR A 500 -2.61 -17.60 -2.05
C TYR A 500 -3.37 -17.26 -3.33
N PRO A 501 -3.18 -18.07 -4.42
CA PRO A 501 -3.86 -17.77 -5.68
C PRO A 501 -5.30 -18.18 -5.81
N ASP A 502 -5.78 -19.12 -4.96
CA ASP A 502 -7.16 -19.61 -5.06
C ASP A 502 -8.22 -18.54 -4.86
N PRO A 503 -9.17 -18.42 -5.83
CA PRO A 503 -10.20 -17.38 -5.75
C PRO A 503 -11.15 -17.47 -4.56
N MET A 504 -11.42 -18.70 -4.06
CA MET A 504 -12.29 -18.96 -2.91
C MET A 504 -11.65 -18.43 -1.63
N VAL A 505 -10.33 -18.66 -1.49
CA VAL A 505 -9.46 -18.21 -0.40
C VAL A 505 -9.38 -16.69 -0.39
N ARG A 506 -9.08 -16.08 -1.57
CA ARG A 506 -8.94 -14.64 -1.74
C ARG A 506 -10.27 -13.94 -1.52
N GLY A 507 -11.37 -14.55 -1.98
CA GLY A 507 -12.73 -14.08 -1.76
C GLY A 507 -13.05 -13.97 -0.29
N PHE A 508 -12.64 -14.97 0.51
CA PHE A 508 -12.82 -14.92 1.96
C PHE A 508 -12.02 -13.75 2.55
N ALA A 509 -10.77 -13.54 2.09
CA ALA A 509 -9.93 -12.45 2.56
C ALA A 509 -10.61 -11.10 2.31
N VAL A 510 -11.11 -10.87 1.07
CA VAL A 510 -11.86 -9.68 0.66
C VAL A 510 -13.10 -9.46 1.54
N ARG A 511 -13.84 -10.55 1.85
CA ARG A 511 -15.02 -10.53 2.70
C ARG A 511 -14.65 -10.11 4.13
N CYS A 512 -13.46 -10.52 4.65
CA CYS A 512 -12.97 -10.05 5.96
C CYS A 512 -12.68 -8.52 5.94
N LEU A 513 -12.07 -8.02 4.84
CA LEU A 513 -11.76 -6.61 4.64
C LEU A 513 -13.04 -5.81 4.51
N GLU A 514 -14.06 -6.34 3.81
CA GLU A 514 -15.37 -5.68 3.63
C GLU A 514 -16.03 -5.45 4.96
N LYS A 515 -16.00 -6.48 5.83
CA LYS A 515 -16.61 -6.47 7.17
C LYS A 515 -15.74 -5.72 8.22
N TYR A 516 -14.41 -5.86 8.23
CA TYR A 516 -13.62 -5.32 9.34
C TYR A 516 -12.59 -4.22 9.01
N LEU A 517 -12.36 -3.91 7.75
CA LEU A 517 -11.36 -2.91 7.46
C LEU A 517 -11.95 -1.50 7.45
N THR A 518 -11.49 -0.65 8.40
CA THR A 518 -11.93 0.75 8.48
C THR A 518 -11.25 1.56 7.35
N ASP A 519 -11.83 2.72 7.02
CA ASP A 519 -11.34 3.64 5.99
C ASP A 519 -9.96 4.14 6.34
N ASP A 520 -9.67 4.31 7.64
CA ASP A 520 -8.34 4.72 8.15
C ASP A 520 -7.30 3.65 7.78
N LYS A 521 -7.60 2.38 8.08
CA LYS A 521 -6.72 1.25 7.81
C LYS A 521 -6.62 0.93 6.33
N LEU A 522 -7.70 1.15 5.58
CA LEU A 522 -7.71 0.96 4.13
C LEU A 522 -6.77 1.98 3.50
N SER A 523 -6.81 3.24 3.97
CA SER A 523 -5.89 4.28 3.49
C SER A 523 -4.44 3.93 3.83
N GLN A 524 -4.17 3.46 5.06
CA GLN A 524 -2.85 3.07 5.51
C GLN A 524 -2.28 1.93 4.68
N TYR A 525 -3.11 0.96 4.31
CA TYR A 525 -2.64 -0.22 3.58
C TYR A 525 -2.93 -0.19 2.10
N LEU A 526 -3.36 0.97 1.58
CA LEU A 526 -3.69 1.10 0.16
C LEU A 526 -2.55 0.75 -0.75
N ILE A 527 -1.30 1.09 -0.41
CA ILE A 527 -0.24 0.71 -1.33
C ILE A 527 -0.16 -0.80 -1.53
N GLN A 528 -0.35 -1.60 -0.46
CA GLN A 528 -0.26 -3.06 -0.54
C GLN A 528 -1.43 -3.63 -1.30
N LEU A 529 -2.65 -3.13 -1.02
CA LEU A 529 -3.91 -3.54 -1.64
C LEU A 529 -3.92 -3.28 -3.14
N VAL A 530 -3.34 -2.18 -3.57
CA VAL A 530 -3.21 -1.86 -4.98
C VAL A 530 -2.20 -2.88 -5.61
N GLN A 531 -1.12 -3.23 -4.87
CA GLN A 531 -0.11 -4.14 -5.40
C GLN A 531 -0.64 -5.49 -5.65
N VAL A 532 -1.32 -6.09 -4.65
CA VAL A 532 -1.87 -7.44 -4.72
C VAL A 532 -2.98 -7.63 -5.82
N LEU A 533 -3.45 -6.52 -6.44
CA LEU A 533 -4.37 -6.58 -7.57
C LEU A 533 -3.65 -7.29 -8.72
N LYS A 534 -2.32 -7.12 -8.79
CA LYS A 534 -1.46 -7.70 -9.82
C LYS A 534 -1.42 -9.21 -9.73
N TYR A 535 -1.60 -9.79 -8.51
CA TYR A 535 -1.65 -11.26 -8.29
C TYR A 535 -3.04 -11.86 -8.58
N GLU A 536 -4.02 -11.07 -9.08
CA GLU A 536 -5.35 -11.55 -9.44
C GLU A 536 -5.24 -12.10 -10.85
N GLN A 537 -5.93 -13.22 -11.13
CA GLN A 537 -5.93 -13.91 -12.43
C GLN A 537 -6.65 -13.11 -13.48
N TYR A 538 -7.82 -12.52 -13.09
CA TYR A 538 -8.75 -11.82 -13.98
C TYR A 538 -8.94 -10.34 -13.62
N LEU A 539 -9.42 -9.58 -14.63
CA LEU A 539 -9.62 -8.13 -14.48
C LEU A 539 -10.75 -7.84 -13.50
N ASP A 540 -11.84 -8.60 -13.63
CA ASP A 540 -13.01 -8.51 -12.78
C ASP A 540 -12.89 -9.56 -11.65
N ASN A 541 -12.79 -9.09 -10.42
CA ASN A 541 -12.65 -9.90 -9.22
C ASN A 541 -13.23 -9.17 -7.99
N LEU A 542 -13.42 -9.88 -6.88
CA LEU A 542 -13.98 -9.31 -5.65
C LEU A 542 -13.13 -8.18 -5.07
N LEU A 543 -11.77 -8.33 -5.08
CA LEU A 543 -10.82 -7.34 -4.58
C LEU A 543 -10.95 -6.01 -5.28
N VAL A 544 -10.82 -5.99 -6.64
CA VAL A 544 -10.92 -4.78 -7.46
C VAL A 544 -12.29 -4.07 -7.27
N ARG A 545 -13.37 -4.83 -7.09
CA ARG A 545 -14.70 -4.28 -6.89
C ARG A 545 -14.82 -3.66 -5.51
N PHE A 546 -14.06 -4.18 -4.52
CA PHE A 546 -14.01 -3.66 -3.15
C PHE A 546 -13.24 -2.34 -3.13
N LEU A 547 -12.05 -2.33 -3.77
CA LEU A 547 -11.17 -1.15 -3.85
C LEU A 547 -11.82 -0.01 -4.63
N LEU A 548 -12.39 -0.32 -5.80
CA LEU A 548 -13.09 0.65 -6.64
C LEU A 548 -14.32 1.25 -5.92
N LYS A 549 -15.13 0.44 -5.20
CA LYS A 549 -16.30 0.94 -4.47
C LYS A 549 -15.87 1.96 -3.42
N LYS A 550 -14.85 1.62 -2.65
CA LYS A 550 -14.30 2.48 -1.60
C LYS A 550 -13.71 3.78 -2.20
N ALA A 551 -13.01 3.67 -3.34
CA ALA A 551 -12.40 4.81 -4.02
C ALA A 551 -13.46 5.77 -4.49
N LEU A 552 -14.63 5.25 -4.90
CA LEU A 552 -15.78 6.01 -5.41
C LEU A 552 -16.75 6.46 -4.33
N THR A 553 -16.55 6.04 -3.07
CA THR A 553 -17.40 6.45 -1.93
C THR A 553 -16.58 7.21 -0.85
N ASN A 554 -15.28 7.42 -1.09
CA ASN A 554 -14.36 8.16 -0.21
C ASN A 554 -13.28 8.80 -1.07
N GLN A 555 -13.34 10.13 -1.23
CA GLN A 555 -12.44 10.91 -2.10
C GLN A 555 -10.98 10.91 -1.65
N ARG A 556 -10.73 10.70 -0.31
CA ARG A 556 -9.35 10.63 0.22
C ARG A 556 -8.72 9.31 -0.21
N ILE A 557 -9.54 8.25 -0.32
CA ILE A 557 -9.12 6.92 -0.78
C ILE A 557 -8.98 7.00 -2.30
N GLY A 558 -9.99 7.55 -2.96
CA GLY A 558 -10.00 7.69 -4.41
C GLY A 558 -8.81 8.43 -4.99
N HIS A 559 -8.37 9.50 -4.28
CA HIS A 559 -7.24 10.32 -4.68
C HIS A 559 -5.98 9.47 -4.80
N PHE A 560 -5.62 8.77 -3.72
CA PHE A 560 -4.43 7.94 -3.70
C PHE A 560 -4.58 6.71 -4.54
N PHE A 561 -5.78 6.14 -4.63
CA PHE A 561 -6.12 5.01 -5.51
C PHE A 561 -5.72 5.39 -6.92
N PHE A 562 -6.15 6.61 -7.38
CA PHE A 562 -5.80 7.15 -8.69
C PHE A 562 -4.28 7.28 -8.86
N TRP A 563 -3.59 7.94 -7.96
CA TRP A 563 -2.15 8.19 -8.10
C TRP A 563 -1.26 6.96 -8.04
N HIS A 564 -1.60 5.99 -7.20
CA HIS A 564 -0.90 4.72 -7.09
C HIS A 564 -1.04 3.93 -8.44
N LEU A 565 -2.24 3.94 -9.03
CA LEU A 565 -2.51 3.25 -10.29
C LEU A 565 -1.85 4.01 -11.41
N LYS A 566 -2.01 5.36 -11.45
CA LYS A 566 -1.39 6.23 -12.46
C LYS A 566 0.15 6.15 -12.45
N SER A 567 0.76 6.05 -11.25
CA SER A 567 2.21 5.96 -11.14
C SER A 567 2.81 4.74 -11.85
N GLU A 568 2.02 3.65 -12.04
CA GLU A 568 2.52 2.39 -12.67
C GLU A 568 1.99 2.16 -14.07
N MET A 569 1.42 3.21 -14.70
CA MET A 569 0.88 3.12 -16.05
C MET A 569 1.98 2.99 -17.07
N HIS A 570 3.23 3.29 -16.72
CA HIS A 570 4.33 3.14 -17.69
C HIS A 570 4.80 1.67 -17.72
N ASN A 571 4.31 0.86 -16.80
CA ASN A 571 4.69 -0.54 -16.72
C ASN A 571 3.67 -1.33 -17.54
N LYS A 572 4.14 -1.96 -18.61
CA LYS A 572 3.31 -2.70 -19.58
C LYS A 572 2.75 -4.03 -19.03
N THR A 573 3.34 -4.56 -17.95
CA THR A 573 2.90 -5.73 -17.19
C THR A 573 1.52 -5.42 -16.54
N VAL A 574 1.26 -4.15 -16.15
CA VAL A 574 0.03 -3.71 -15.45
C VAL A 574 -0.78 -2.60 -16.16
N SER A 575 -0.26 -2.02 -17.27
CA SER A 575 -0.90 -0.90 -17.99
C SER A 575 -2.35 -1.17 -18.44
N GLN A 576 -2.66 -2.38 -18.93
CA GLN A 576 -4.02 -2.68 -19.36
C GLN A 576 -4.97 -2.72 -18.18
N ARG A 577 -4.60 -3.50 -17.13
CA ARG A 577 -5.42 -3.69 -15.94
C ARG A 577 -5.65 -2.36 -15.22
N PHE A 578 -4.57 -1.58 -15.04
CA PHE A 578 -4.60 -0.30 -14.34
C PHE A 578 -5.30 0.76 -15.18
N GLY A 579 -5.11 0.70 -16.49
CA GLY A 579 -5.73 1.61 -17.45
C GLY A 579 -7.23 1.48 -17.44
N LEU A 580 -7.72 0.25 -17.55
CA LEU A 580 -9.14 -0.07 -17.55
C LEU A 580 -9.76 0.25 -16.20
N LEU A 581 -9.09 -0.08 -15.10
CA LEU A 581 -9.54 0.25 -13.74
C LEU A 581 -9.65 1.79 -13.56
N LEU A 582 -8.61 2.54 -14.02
CA LEU A 582 -8.61 3.99 -13.95
C LEU A 582 -9.76 4.59 -14.77
N GLU A 583 -10.03 4.03 -15.94
CA GLU A 583 -11.13 4.51 -16.78
C GLU A 583 -12.47 4.43 -16.03
N SER A 584 -12.74 3.30 -15.34
CA SER A 584 -13.96 3.09 -14.56
C SER A 584 -14.03 4.04 -13.37
N TYR A 585 -12.88 4.37 -12.78
CA TYR A 585 -12.80 5.31 -11.68
C TYR A 585 -13.19 6.70 -12.16
N CYS A 586 -12.57 7.18 -13.26
CA CYS A 586 -12.79 8.51 -13.86
C CYS A 586 -14.20 8.74 -14.39
N ARG A 587 -14.83 7.68 -14.83
CA ARG A 587 -16.19 7.77 -15.29
C ARG A 587 -17.17 8.01 -14.18
N ALA A 588 -16.84 7.58 -12.95
CA ALA A 588 -17.76 7.66 -11.81
C ALA A 588 -17.32 8.55 -10.61
N CYS A 589 -16.05 8.98 -10.55
CA CYS A 589 -15.57 9.81 -9.44
C CYS A 589 -16.25 11.17 -9.32
N GLY A 590 -16.83 11.64 -10.42
CA GLY A 590 -17.54 12.91 -10.42
C GLY A 590 -16.67 14.08 -10.79
N MET A 591 -16.87 15.20 -10.08
CA MET A 591 -16.18 16.46 -10.30
C MET A 591 -14.70 16.35 -9.99
N TYR A 592 -14.32 15.41 -9.13
CA TYR A 592 -12.92 15.25 -8.76
C TYR A 592 -12.01 14.93 -9.94
N LEU A 593 -12.53 14.32 -11.03
CA LEU A 593 -11.77 14.07 -12.26
C LEU A 593 -11.12 15.37 -12.78
N LYS A 594 -11.88 16.47 -12.78
CA LYS A 594 -11.43 17.78 -13.26
C LYS A 594 -10.31 18.34 -12.38
N HIS A 595 -10.32 17.99 -11.06
CA HIS A 595 -9.35 18.40 -10.05
C HIS A 595 -8.11 17.58 -10.16
N LEU A 596 -8.28 16.30 -10.51
CA LEU A 596 -7.17 15.38 -10.74
C LEU A 596 -6.44 15.80 -12.01
N ASN A 597 -7.20 16.20 -13.04
CA ASN A 597 -6.66 16.69 -14.30
C ASN A 597 -5.79 17.93 -14.10
N ARG A 598 -6.10 18.77 -13.11
CA ARG A 598 -5.29 19.95 -12.83
C ARG A 598 -3.92 19.52 -12.29
N GLN A 599 -3.93 18.53 -11.39
CA GLN A 599 -2.77 17.93 -10.79
C GLN A 599 -1.93 17.26 -11.86
N VAL A 600 -2.57 16.46 -12.75
CA VAL A 600 -1.93 15.73 -13.85
C VAL A 600 -1.18 16.69 -14.79
N GLU A 601 -1.82 17.80 -15.14
CA GLU A 601 -1.19 18.81 -16.01
C GLU A 601 -0.05 19.52 -15.31
N ALA A 602 -0.23 19.89 -14.01
CA ALA A 602 0.81 20.57 -13.22
C ALA A 602 2.04 19.67 -13.12
N MET A 603 1.85 18.34 -12.92
CA MET A 603 2.95 17.35 -12.84
C MET A 603 3.61 17.18 -14.16
N GLU A 604 2.85 17.18 -15.26
CA GLU A 604 3.36 17.04 -16.62
C GLU A 604 4.27 18.19 -16.98
N LYS A 605 3.88 19.42 -16.60
CA LYS A 605 4.69 20.62 -16.89
C LYS A 605 6.01 20.54 -16.11
N LEU A 606 5.96 20.00 -14.86
CA LEU A 606 7.11 19.81 -14.01
C LEU A 606 8.00 18.71 -14.55
N ILE A 607 7.44 17.57 -14.95
CA ILE A 607 8.21 16.51 -15.62
C ILE A 607 8.94 17.09 -16.87
N ASN A 608 8.21 17.81 -17.75
N ASN A 608 8.20 17.81 -17.74
CA ASN A 608 8.77 18.38 -18.97
CA ASN A 608 8.71 18.43 -18.96
C ASN A 608 9.90 19.38 -18.72
C ASN A 608 9.89 19.37 -18.70
N LEU A 609 9.77 20.24 -17.68
CA LEU A 609 10.80 21.24 -17.31
C LEU A 609 12.06 20.57 -16.79
N THR A 610 11.90 19.64 -15.82
CA THR A 610 12.99 18.89 -15.20
C THR A 610 13.74 18.03 -16.22
N ASP A 611 13.03 17.52 -17.26
CA ASP A 611 13.64 16.76 -18.36
C ASP A 611 14.52 17.64 -19.19
N ILE A 612 14.08 18.88 -19.48
CA ILE A 612 14.85 19.84 -20.27
C ILE A 612 16.12 20.25 -19.50
N LEU A 613 16.02 20.48 -18.18
CA LEU A 613 17.18 20.84 -17.32
C LEU A 613 18.23 19.71 -17.22
N LYS A 614 17.80 18.42 -17.29
CA LYS A 614 18.68 17.24 -17.23
C LYS A 614 19.32 17.01 -18.60
N GLN A 615 18.59 17.31 -19.67
CA GLN A 615 19.04 17.06 -21.03
C GLN A 615 19.65 18.31 -21.59
N GLU A 616 18.84 19.22 -22.14
CA GLU A 616 19.29 20.48 -22.73
C GLU A 616 20.22 21.34 -21.86
N LYS A 617 19.80 21.72 -20.64
CA LYS A 617 20.56 22.65 -19.79
C LYS A 617 21.29 21.98 -18.60
N LYS A 618 21.81 20.75 -18.77
CA LYS A 618 22.54 20.04 -17.68
C LYS A 618 23.84 20.72 -17.32
N ASP A 619 24.55 21.18 -18.35
CA ASP A 619 25.82 21.86 -18.27
C ASP A 619 25.65 23.39 -18.22
N GLU A 620 24.97 23.87 -17.15
CA GLU A 620 24.73 25.30 -16.87
C GLU A 620 24.68 25.60 -15.36
N THR A 621 25.03 26.83 -14.98
CA THR A 621 25.06 27.36 -13.60
C THR A 621 23.65 27.30 -12.97
N GLN A 622 23.54 27.27 -11.62
CA GLN A 622 22.22 27.31 -10.96
C GLN A 622 21.51 28.64 -11.30
N LYS A 623 22.25 29.77 -11.30
CA LYS A 623 21.77 31.10 -11.63
C LYS A 623 21.12 31.13 -13.04
N VAL A 624 21.82 30.52 -14.05
CA VAL A 624 21.43 30.37 -15.47
C VAL A 624 20.24 29.41 -15.62
N GLN A 625 20.25 28.30 -14.89
CA GLN A 625 19.20 27.30 -14.95
C GLN A 625 17.89 27.87 -14.39
N MET A 626 17.99 28.65 -13.32
CA MET A 626 16.87 29.34 -12.67
C MET A 626 16.30 30.39 -13.60
N LYS A 627 17.14 31.11 -14.37
CA LYS A 627 16.76 32.11 -15.38
C LYS A 627 15.90 31.44 -16.46
N PHE A 628 16.30 30.23 -16.93
CA PHE A 628 15.52 29.46 -17.91
C PHE A 628 14.21 29.05 -17.29
N LEU A 629 14.25 28.55 -16.05
CA LEU A 629 13.10 28.04 -15.30
C LEU A 629 12.03 29.11 -15.07
N VAL A 630 12.44 30.29 -14.58
CA VAL A 630 11.58 31.45 -14.32
C VAL A 630 10.93 31.94 -15.63
N GLU A 631 11.69 32.05 -16.72
CA GLU A 631 11.19 32.46 -18.03
C GLU A 631 10.13 31.49 -18.52
N GLN A 632 10.46 30.18 -18.48
CA GLN A 632 9.56 29.12 -18.93
C GLN A 632 8.30 29.00 -18.08
N MET A 633 8.43 29.12 -16.75
CA MET A 633 7.29 29.04 -15.84
C MET A 633 6.36 30.22 -15.97
N ARG A 634 6.88 31.43 -16.32
CA ARG A 634 6.12 32.66 -16.43
C ARG A 634 5.27 32.77 -17.71
N ARG A 635 5.39 31.79 -18.66
CA ARG A 635 4.53 31.69 -19.86
C ARG A 635 3.08 31.47 -19.37
N PRO A 636 2.06 32.20 -19.92
CA PRO A 636 0.68 32.13 -19.36
C PRO A 636 0.06 30.73 -19.21
N ASP A 637 0.28 29.86 -20.21
CA ASP A 637 -0.17 28.46 -20.21
C ASP A 637 0.49 27.65 -19.07
N PHE A 638 1.84 27.78 -18.90
CA PHE A 638 2.63 27.13 -17.85
C PHE A 638 2.26 27.67 -16.49
N MET A 639 2.23 29.00 -16.35
CA MET A 639 1.94 29.67 -15.09
C MET A 639 0.61 29.24 -14.53
N ASP A 640 -0.43 29.20 -15.36
CA ASP A 640 -1.74 28.76 -14.90
C ASP A 640 -1.74 27.27 -14.53
N ALA A 641 -1.12 26.41 -15.38
CA ALA A 641 -1.03 24.97 -15.16
C ALA A 641 -0.37 24.63 -13.85
N LEU A 642 0.63 25.43 -13.43
CA LEU A 642 1.46 25.23 -12.21
C LEU A 642 0.98 25.99 -10.98
N GLN A 643 -0.26 26.50 -10.97
CA GLN A 643 -0.79 27.15 -9.78
C GLN A 643 -2.33 27.09 -9.70
N GLY A 644 -2.86 26.94 -8.49
CA GLY A 644 -4.29 26.89 -8.27
C GLY A 644 -4.85 25.50 -8.44
N PHE A 645 -4.29 24.55 -7.69
CA PHE A 645 -4.69 23.14 -7.72
C PHE A 645 -4.40 22.50 -6.35
N LEU A 646 -4.79 21.24 -6.16
CA LEU A 646 -4.61 20.55 -4.90
C LEU A 646 -3.31 19.79 -4.87
N SER A 647 -2.68 19.74 -3.68
CA SER A 647 -1.42 19.02 -3.49
C SER A 647 -1.64 17.52 -3.68
N PRO A 648 -0.95 16.84 -4.63
CA PRO A 648 -1.15 15.38 -4.76
C PRO A 648 -0.68 14.64 -3.51
N LEU A 649 0.20 15.27 -2.70
CA LEU A 649 0.70 14.73 -1.42
C LEU A 649 -0.41 14.69 -0.38
N ASN A 650 -1.30 15.69 -0.37
CA ASN A 650 -2.45 15.81 0.54
C ASN A 650 -3.51 16.73 -0.10
N PRO A 651 -4.58 16.16 -0.68
CA PRO A 651 -5.55 16.99 -1.41
C PRO A 651 -6.39 17.96 -0.55
N ALA A 652 -6.22 17.96 0.80
CA ALA A 652 -6.86 18.97 1.68
C ALA A 652 -6.05 20.28 1.55
N HIS A 653 -4.84 20.18 1.00
CA HIS A 653 -3.98 21.34 0.84
C HIS A 653 -4.14 21.92 -0.54
N GLN A 654 -4.65 23.14 -0.60
CA GLN A 654 -4.78 23.89 -1.83
C GLN A 654 -3.42 24.60 -2.07
N LEU A 655 -2.93 24.45 -3.31
CA LEU A 655 -1.71 25.11 -3.77
C LEU A 655 -2.15 26.34 -4.60
N GLY A 656 -1.98 27.54 -4.03
CA GLY A 656 -2.37 28.80 -4.65
C GLY A 656 -1.36 29.25 -5.65
N ASN A 657 -1.02 30.56 -5.59
CA ASN A 657 -0.03 31.20 -6.46
C ASN A 657 1.39 30.76 -6.10
N LEU A 658 2.20 30.49 -7.14
CA LEU A 658 3.59 30.03 -7.03
C LEU A 658 4.48 31.19 -6.61
N ARG A 659 5.28 31.04 -5.54
CA ARG A 659 6.21 32.08 -5.07
C ARG A 659 7.54 31.77 -5.73
N LEU A 660 7.73 32.28 -6.98
CA LEU A 660 8.93 32.02 -7.79
C LEU A 660 10.24 32.42 -7.13
N GLU A 661 10.24 33.49 -6.36
CA GLU A 661 11.40 33.96 -5.60
C GLU A 661 11.79 32.97 -4.51
N GLU A 662 10.84 32.13 -4.06
CA GLU A 662 11.05 31.11 -3.02
C GLU A 662 11.39 29.75 -3.59
N CYS A 663 11.08 29.55 -4.88
CA CYS A 663 11.39 28.31 -5.61
C CYS A 663 12.87 28.27 -5.91
N ARG A 664 13.43 27.07 -6.04
CA ARG A 664 14.84 26.93 -6.40
C ARG A 664 15.16 25.55 -6.92
N ILE A 665 16.20 25.44 -7.76
CA ILE A 665 16.72 24.17 -8.25
C ILE A 665 17.72 23.77 -7.16
N MET A 666 17.55 22.57 -6.63
CA MET A 666 18.39 22.06 -5.56
C MET A 666 19.70 21.56 -6.10
N SER A 667 20.80 21.85 -5.38
CA SER A 667 22.15 21.46 -5.79
C SER A 667 22.45 20.01 -5.42
N SER A 668 21.76 19.14 -6.13
CA SER A 668 21.85 17.70 -6.00
C SER A 668 21.73 17.12 -7.40
N ALA A 669 22.15 15.87 -7.55
CA ALA A 669 21.98 15.12 -8.78
C ALA A 669 20.47 14.85 -8.82
N LYS A 670 19.95 14.76 -10.04
CA LYS A 670 18.53 14.59 -10.39
C LYS A 670 17.90 15.98 -10.51
N ARG A 671 18.58 17.04 -9.97
CA ARG A 671 18.17 18.45 -9.99
C ARG A 671 16.75 18.61 -9.48
N PRO A 672 16.48 18.32 -8.19
CA PRO A 672 15.08 18.40 -7.75
C PRO A 672 14.67 19.86 -7.58
N LEU A 673 13.37 20.13 -7.81
CA LEU A 673 12.85 21.48 -7.69
C LEU A 673 12.28 21.63 -6.33
N TRP A 674 12.71 22.69 -5.62
CA TRP A 674 12.18 23.08 -4.32
C TRP A 674 11.13 24.08 -4.71
N LEU A 675 9.86 23.73 -4.54
CA LEU A 675 8.72 24.55 -4.95
C LEU A 675 7.95 25.14 -3.79
N ASN A 676 7.44 26.36 -3.96
CA ASN A 676 6.70 27.09 -2.94
C ASN A 676 5.44 27.71 -3.49
N TRP A 677 4.32 27.42 -2.87
CA TRP A 677 3.03 27.99 -3.24
C TRP A 677 2.39 28.68 -2.04
N GLU A 678 1.63 29.75 -2.30
CA GLU A 678 0.81 30.36 -1.26
C GLU A 678 -0.28 29.36 -0.88
N ASN A 679 -0.67 29.35 0.41
CA ASN A 679 -1.81 28.59 0.88
C ASN A 679 -2.97 29.59 0.76
N PRO A 680 -3.88 29.38 -0.22
CA PRO A 680 -4.96 30.36 -0.42
C PRO A 680 -6.03 30.37 0.66
N ASP A 681 -6.05 29.38 1.59
CA ASP A 681 -7.00 29.35 2.70
C ASP A 681 -7.07 30.69 3.44
N ILE A 682 -8.31 31.12 3.77
CA ILE A 682 -8.64 32.37 4.49
C ILE A 682 -7.85 32.51 5.80
N MET A 683 -7.68 31.37 6.51
CA MET A 683 -6.96 31.22 7.79
C MET A 683 -5.66 30.43 7.64
N SER A 684 -4.90 30.70 6.56
CA SER A 684 -3.64 30.04 6.25
C SER A 684 -2.57 30.25 7.34
N GLU A 685 -2.53 31.46 7.94
CA GLU A 685 -1.65 31.87 9.02
C GLU A 685 -1.67 30.96 10.27
N LEU A 686 -2.80 30.27 10.53
CA LEU A 686 -2.96 29.40 11.69
C LEU A 686 -2.45 27.97 11.48
N LEU A 687 -2.13 27.59 10.23
CA LEU A 687 -1.58 26.27 9.92
C LEU A 687 -0.21 26.44 9.27
N PHE A 688 -0.15 27.03 8.05
CA PHE A 688 1.06 27.37 7.30
C PHE A 688 0.69 28.29 6.15
N GLN A 689 1.38 29.43 6.01
CA GLN A 689 1.05 30.39 4.94
C GLN A 689 1.61 29.99 3.57
N ASN A 690 2.60 29.07 3.54
CA ASN A 690 3.24 28.62 2.30
C ASN A 690 3.42 27.12 2.31
N ASN A 691 3.12 26.48 1.19
CA ASN A 691 3.26 25.03 1.04
C ASN A 691 4.54 24.74 0.29
N GLU A 692 5.48 24.05 0.91
CA GLU A 692 6.76 23.74 0.28
C GLU A 692 6.86 22.26 -0.05
N ILE A 693 6.98 21.96 -1.34
CA ILE A 693 7.08 20.58 -1.85
C ILE A 693 8.31 20.44 -2.70
N ILE A 694 8.98 19.30 -2.63
CA ILE A 694 10.14 19.00 -3.44
C ILE A 694 9.62 18.11 -4.58
N PHE A 695 9.95 18.48 -5.84
CA PHE A 695 9.61 17.66 -6.99
C PHE A 695 10.93 17.05 -7.47
N LYS A 696 10.99 15.71 -7.45
CA LYS A 696 12.20 14.99 -7.84
C LYS A 696 11.92 14.06 -9.03
N ASN A 697 12.65 14.27 -10.10
CA ASN A 697 12.61 13.50 -11.33
C ASN A 697 14.00 12.89 -11.51
N GLY A 698 14.09 11.56 -11.38
CA GLY A 698 15.34 10.81 -11.51
C GLY A 698 15.45 9.62 -10.59
N ASP A 699 14.91 9.74 -9.37
CA ASP A 699 14.97 8.74 -8.31
C ASP A 699 13.73 7.97 -8.14
N ASP A 700 13.86 6.63 -7.96
CA ASP A 700 12.74 5.72 -7.68
C ASP A 700 12.36 5.93 -6.23
N LEU A 701 11.11 6.42 -6.00
CA LEU A 701 10.62 6.79 -4.67
C LEU A 701 9.74 5.75 -3.98
N ARG A 702 9.65 4.55 -4.54
CA ARG A 702 8.83 3.48 -3.98
C ARG A 702 9.36 2.88 -2.70
N GLN A 703 10.70 2.77 -2.57
CA GLN A 703 11.34 2.22 -1.37
C GLN A 703 11.11 3.17 -0.19
N ASP A 704 11.22 4.49 -0.43
CA ASP A 704 11.01 5.48 0.61
C ASP A 704 9.57 5.49 1.01
N MET A 705 8.68 5.28 0.05
CA MET A 705 7.25 5.26 0.32
C MET A 705 6.93 4.14 1.27
N LEU A 706 7.57 2.98 1.07
CA LEU A 706 7.34 1.81 1.94
C LEU A 706 7.91 2.02 3.32
N THR A 707 9.14 2.57 3.43
CA THR A 707 9.81 2.83 4.69
C THR A 707 9.03 3.84 5.51
N LEU A 708 8.54 4.89 4.87
CA LEU A 708 7.77 5.94 5.52
C LEU A 708 6.48 5.40 6.07
N GLN A 709 5.84 4.47 5.34
CA GLN A 709 4.61 3.79 5.78
C GLN A 709 4.88 2.95 7.03
N ILE A 710 5.92 2.09 6.96
CA ILE A 710 6.39 1.23 8.03
C ILE A 710 6.72 2.04 9.28
N ILE A 711 7.54 3.13 9.14
CA ILE A 711 7.90 4.07 10.22
C ILE A 711 6.63 4.59 10.91
N ARG A 712 5.62 5.00 10.13
CA ARG A 712 4.36 5.46 10.70
C ARG A 712 3.68 4.35 11.50
N ILE A 713 3.69 3.07 10.96
CA ILE A 713 3.08 1.92 11.63
C ILE A 713 3.81 1.64 12.94
N MET A 714 5.15 1.58 12.88
CA MET A 714 6.02 1.39 14.06
C MET A 714 5.67 2.41 15.14
N GLU A 715 5.57 3.70 14.78
CA GLU A 715 5.22 4.80 15.68
C GLU A 715 3.87 4.54 16.35
N ASN A 716 2.85 4.14 15.54
CA ASN A 716 1.48 3.83 16.01
C ASN A 716 1.48 2.69 17.09
N ILE A 717 2.25 1.61 16.84
CA ILE A 717 2.47 0.50 17.75
C ILE A 717 3.07 1.00 19.07
N TRP A 718 4.12 1.82 19.01
CA TRP A 718 4.78 2.37 20.19
C TRP A 718 3.89 3.28 20.99
N GLN A 719 3.12 4.15 20.29
CA GLN A 719 2.21 5.09 20.90
C GLN A 719 1.05 4.39 21.64
N ASN A 720 0.47 3.34 21.02
CA ASN A 720 -0.60 2.54 21.64
C ASN A 720 -0.10 1.75 22.85
N GLN A 721 1.14 1.29 22.80
CA GLN A 721 1.78 0.54 23.89
C GLN A 721 2.29 1.46 25.00
N GLY A 722 2.08 2.78 24.88
CA GLY A 722 2.46 3.79 25.86
C GLY A 722 3.93 4.17 25.92
N LEU A 723 4.59 4.20 24.73
CA LEU A 723 6.00 4.54 24.46
C LEU A 723 5.98 5.79 23.56
N ASP A 724 6.14 7.00 24.13
CA ASP A 724 6.10 8.21 23.32
C ASP A 724 7.42 8.43 22.59
N LEU A 725 7.58 7.77 21.44
CA LEU A 725 8.76 7.94 20.61
C LEU A 725 8.28 8.58 19.33
N ARG A 726 8.44 9.88 19.23
CA ARG A 726 7.98 10.65 18.08
C ARG A 726 8.83 10.44 16.81
N MET A 727 8.17 9.96 15.75
CA MET A 727 8.74 9.71 14.43
C MET A 727 8.32 10.82 13.44
N LEU A 728 8.95 10.84 12.27
CA LEU A 728 8.59 11.81 11.27
C LEU A 728 8.41 11.14 9.90
N PRO A 729 7.27 10.42 9.73
CA PRO A 729 6.97 9.84 8.42
C PRO A 729 6.41 10.93 7.49
N TYR A 730 7.31 11.82 6.98
CA TYR A 730 6.92 12.87 6.02
C TYR A 730 6.27 12.30 4.72
N GLY A 731 5.52 13.14 4.03
CA GLY A 731 4.84 12.81 2.79
C GLY A 731 5.83 12.54 1.69
N CYS A 732 5.58 11.47 0.96
CA CYS A 732 6.37 11.04 -0.19
C CYS A 732 5.43 10.34 -1.12
N LEU A 733 5.33 10.80 -2.38
CA LEU A 733 4.41 10.17 -3.32
C LEU A 733 5.06 9.99 -4.64
N SER A 734 5.07 8.73 -5.15
CA SER A 734 5.57 8.41 -6.49
C SER A 734 4.35 8.60 -7.43
N ILE A 735 4.56 9.39 -8.49
CA ILE A 735 3.56 9.75 -9.48
C ILE A 735 3.85 9.17 -10.89
N GLY A 736 4.99 8.49 -11.07
CA GLY A 736 5.39 7.92 -12.36
C GLY A 736 6.70 7.17 -12.29
N ASP A 737 7.36 6.99 -13.44
CA ASP A 737 8.64 6.28 -13.50
C ASP A 737 9.80 7.15 -12.94
N CYS A 738 10.15 6.93 -11.68
CA CYS A 738 11.21 7.67 -10.98
C CYS A 738 10.94 9.18 -10.92
N VAL A 739 9.66 9.50 -10.65
CA VAL A 739 9.12 10.86 -10.50
C VAL A 739 8.25 10.87 -9.28
N GLY A 740 8.28 11.99 -8.57
CA GLY A 740 7.42 12.12 -7.41
C GLY A 740 7.62 13.37 -6.62
N LEU A 741 6.86 13.46 -5.52
CA LEU A 741 6.83 14.60 -4.61
C LEU A 741 7.27 14.23 -3.23
N ILE A 742 7.95 15.15 -2.54
CA ILE A 742 8.44 14.96 -1.17
C ILE A 742 8.00 16.16 -0.31
N GLU A 743 7.44 15.89 0.86
CA GLU A 743 7.01 16.94 1.78
C GLU A 743 8.23 17.57 2.47
N VAL A 744 8.32 18.90 2.43
CA VAL A 744 9.38 19.63 3.12
C VAL A 744 9.01 19.68 4.61
N VAL A 745 10.02 19.46 5.48
CA VAL A 745 9.84 19.57 6.92
C VAL A 745 10.31 21.00 7.29
N ARG A 746 9.38 21.82 7.84
CA ARG A 746 9.65 23.20 8.22
C ARG A 746 10.53 23.22 9.43
N ASN A 747 11.45 24.20 9.49
CA ASN A 747 12.39 24.42 10.60
C ASN A 747 13.29 23.23 10.91
N SER A 748 13.82 22.57 9.87
CA SER A 748 14.71 21.44 10.06
C SER A 748 16.00 21.62 9.28
N HIS A 749 17.09 21.06 9.81
CA HIS A 749 18.39 21.16 9.18
C HIS A 749 19.12 19.85 9.36
N THR A 750 20.00 19.53 8.41
CA THR A 750 20.83 18.33 8.46
C THR A 750 21.91 18.55 9.52
N ILE A 751 22.51 17.45 10.03
CA ILE A 751 23.61 17.50 11.00
C ILE A 751 24.78 18.30 10.43
N MET A 752 25.02 18.19 9.09
CA MET A 752 26.04 18.93 8.34
C MET A 752 25.80 20.45 8.45
N GLN A 753 24.54 20.90 8.21
CA GLN A 753 24.12 22.30 8.31
C GLN A 753 24.32 22.88 9.72
N ILE A 754 24.11 22.04 10.78
CA ILE A 754 24.32 22.41 12.19
C ILE A 754 25.80 22.70 12.39
N GLN A 755 26.66 21.78 11.90
CA GLN A 755 28.11 21.86 12.03
C GLN A 755 28.70 23.09 11.25
N CYS A 756 28.84 24.20 12.05
CA CYS A 756 29.29 25.55 11.68
C CYS A 756 30.12 26.17 12.82
N ASN A 767 33.50 20.44 16.46
CA ASN A 767 33.61 19.62 17.66
C ASN A 767 32.34 18.84 17.93
N SER A 768 32.40 17.87 18.87
CA SER A 768 31.29 16.99 19.21
C SER A 768 30.12 17.70 19.90
N HIS A 769 30.42 18.79 20.63
CA HIS A 769 29.42 19.58 21.36
C HIS A 769 28.58 20.54 20.50
N THR A 770 28.98 20.76 19.23
CA THR A 770 28.31 21.67 18.29
C THR A 770 26.78 21.49 18.24
N LEU A 771 26.32 20.22 18.15
CA LEU A 771 24.91 19.87 18.06
C LEU A 771 24.18 20.16 19.35
N HIS A 772 24.77 19.78 20.49
CA HIS A 772 24.18 20.01 21.80
C HIS A 772 24.08 21.50 22.12
N GLN A 773 25.11 22.26 21.74
CA GLN A 773 25.16 23.71 21.91
C GLN A 773 24.10 24.35 21.05
N TRP A 774 23.87 23.80 19.85
CA TRP A 774 22.88 24.32 18.91
C TRP A 774 21.46 24.20 19.48
N LEU A 775 21.14 23.04 20.08
CA LEU A 775 19.85 22.79 20.71
C LEU A 775 19.65 23.59 22.01
N LYS A 776 20.74 23.92 22.73
CA LYS A 776 20.73 24.77 23.92
C LYS A 776 20.30 26.20 23.50
N ASP A 777 20.87 26.69 22.39
CA ASP A 777 20.62 28.00 21.80
C ASP A 777 19.19 28.10 21.29
N LYS A 778 18.69 27.04 20.65
CA LYS A 778 17.34 26.99 20.10
C LYS A 778 16.26 26.74 21.15
N ASN A 779 16.63 26.20 22.33
CA ASN A 779 15.71 25.89 23.43
C ASN A 779 16.30 26.27 24.78
N LYS A 780 16.46 27.57 25.05
CA LYS A 780 17.03 28.03 26.32
C LYS A 780 15.96 28.15 27.43
N GLY A 781 16.40 28.02 28.68
CA GLY A 781 15.51 28.12 29.83
C GLY A 781 14.78 26.84 30.16
N GLU A 782 13.51 26.94 30.58
CA GLU A 782 12.69 25.81 30.98
C GLU A 782 12.34 24.84 29.84
N ILE A 783 12.47 25.29 28.56
CA ILE A 783 12.14 24.47 27.39
C ILE A 783 13.28 23.50 26.98
N TYR A 784 14.50 23.67 27.58
CA TYR A 784 15.66 22.83 27.31
C TYR A 784 15.41 21.35 27.57
N ASP A 785 14.86 21.03 28.75
CA ASP A 785 14.59 19.67 29.17
C ASP A 785 13.66 18.94 28.21
N ALA A 786 12.65 19.64 27.68
CA ALA A 786 11.69 19.08 26.72
C ALA A 786 12.40 18.74 25.41
N ALA A 787 13.33 19.61 24.97
CA ALA A 787 14.11 19.45 23.74
C ALA A 787 15.02 18.24 23.80
N ILE A 788 15.72 18.04 24.92
CA ILE A 788 16.59 16.88 25.13
C ILE A 788 15.73 15.62 25.12
N ASP A 789 14.59 15.65 25.84
CA ASP A 789 13.67 14.53 25.92
C ASP A 789 13.13 14.15 24.54
N LEU A 790 12.76 15.14 23.73
CA LEU A 790 12.25 14.92 22.38
C LEU A 790 13.35 14.36 21.47
N PHE A 791 14.58 14.88 21.62
CA PHE A 791 15.73 14.39 20.87
C PHE A 791 15.99 12.90 21.17
N THR A 792 16.12 12.55 22.49
CA THR A 792 16.39 11.19 22.97
C THR A 792 15.30 10.19 22.52
N ARG A 793 14.02 10.57 22.66
CA ARG A 793 12.87 9.75 22.29
C ARG A 793 12.79 9.49 20.78
N SER A 794 13.01 10.54 19.95
CA SER A 794 13.01 10.43 18.49
C SER A 794 14.24 9.65 17.99
N CYS A 795 15.41 9.91 18.59
CA CYS A 795 16.67 9.22 18.34
C CYS A 795 16.52 7.71 18.62
N ALA A 796 15.86 7.33 19.73
CA ALA A 796 15.61 5.93 20.13
C ALA A 796 14.77 5.19 19.12
N GLY A 797 13.71 5.86 18.64
CA GLY A 797 12.78 5.35 17.62
C GLY A 797 13.46 5.07 16.29
N TYR A 798 14.23 6.07 15.79
CA TYR A 798 14.99 5.95 14.53
C TYR A 798 16.11 4.93 14.62
N CYS A 799 16.76 4.82 15.78
CA CYS A 799 17.81 3.84 16.04
C CYS A 799 17.26 2.37 15.90
N VAL A 800 16.13 2.12 16.51
CA VAL A 800 15.47 0.83 16.44
C VAL A 800 14.89 0.58 15.02
N ALA A 801 14.14 1.56 14.47
CA ALA A 801 13.51 1.44 13.14
C ALA A 801 14.53 1.10 12.04
N THR A 802 15.63 1.88 11.94
CA THR A 802 16.69 1.68 10.96
C THR A 802 17.43 0.33 11.09
N PHE A 803 17.70 -0.14 12.34
CA PHE A 803 18.36 -1.42 12.58
C PHE A 803 17.49 -2.60 12.10
N ILE A 804 16.18 -2.56 12.40
CA ILE A 804 15.24 -3.60 12.02
C ILE A 804 15.15 -3.67 10.49
N LEU A 805 14.93 -2.51 9.83
CA LEU A 805 14.66 -2.43 8.40
C LEU A 805 15.87 -2.49 7.49
N GLY A 806 17.07 -2.45 8.06
CA GLY A 806 18.32 -2.45 7.29
C GLY A 806 18.44 -1.32 6.30
N ILE A 807 18.00 -0.12 6.68
CA ILE A 807 17.98 1.10 5.87
C ILE A 807 19.39 1.54 5.48
N GLY A 808 19.55 2.20 4.33
CA GLY A 808 20.83 2.73 3.85
C GLY A 808 21.66 3.49 4.88
N ASP A 809 23.00 3.31 4.85
CA ASP A 809 23.91 3.95 5.82
C ASP A 809 23.63 5.42 6.07
N ARG A 810 23.48 5.75 7.38
CA ARG A 810 23.23 7.11 7.87
C ARG A 810 24.48 7.93 7.87
N HIS A 811 24.33 9.25 7.71
CA HIS A 811 25.44 10.22 7.77
C HIS A 811 24.86 11.61 8.05
N ASN A 812 25.74 12.60 8.21
CA ASN A 812 25.42 14.00 8.52
C ASN A 812 24.43 14.68 7.56
N SER A 813 24.35 14.24 6.29
CA SER A 813 23.49 14.84 5.27
C SER A 813 22.15 14.15 5.07
N ASN A 814 21.93 12.94 5.69
CA ASN A 814 20.67 12.20 5.62
C ASN A 814 20.00 12.01 7.02
N ILE A 815 20.56 12.68 8.05
CA ILE A 815 20.02 12.79 9.40
C ILE A 815 19.66 14.28 9.55
N MET A 816 18.43 14.58 9.99
CA MET A 816 17.99 15.95 10.21
C MET A 816 17.44 16.13 11.61
N VAL A 817 17.49 17.37 12.13
CA VAL A 817 17.01 17.74 13.47
C VAL A 817 16.16 19.00 13.38
N LYS A 818 14.97 18.99 13.97
CA LYS A 818 14.11 20.17 14.00
C LYS A 818 14.59 21.09 15.13
N ASP A 819 14.13 22.35 15.12
CA ASP A 819 14.50 23.34 16.13
C ASP A 819 14.07 22.91 17.53
N ASP A 820 12.91 22.22 17.65
CA ASP A 820 12.35 21.73 18.93
C ASP A 820 13.11 20.50 19.51
N GLY A 821 14.03 19.95 18.73
CA GLY A 821 14.82 18.79 19.12
C GLY A 821 14.45 17.50 18.45
N GLN A 822 13.43 17.50 17.59
CA GLN A 822 12.96 16.26 16.94
C GLN A 822 13.91 15.77 15.84
N LEU A 823 14.57 14.64 16.09
CA LEU A 823 15.49 14.04 15.13
C LEU A 823 14.70 13.14 14.19
N PHE A 824 15.11 13.12 12.92
CA PHE A 824 14.52 12.27 11.89
C PHE A 824 15.50 12.01 10.75
N HIS A 825 15.17 11.02 9.92
CA HIS A 825 16.00 10.60 8.82
C HIS A 825 15.31 10.84 7.51
N ILE A 826 16.10 11.11 6.50
CA ILE A 826 15.58 11.32 5.15
C ILE A 826 16.33 10.34 4.22
N ASP A 827 15.92 10.25 2.96
CA ASP A 827 16.62 9.49 1.94
C ASP A 827 16.90 8.06 2.37
N PHE A 828 15.83 7.27 2.45
CA PHE A 828 15.96 5.86 2.81
C PHE A 828 16.69 5.07 1.70
N GLY A 829 16.08 5.09 0.50
CA GLY A 829 16.65 4.53 -0.73
C GLY A 829 16.72 3.03 -0.79
N HIS A 830 17.45 2.41 0.14
CA HIS A 830 17.58 0.97 0.20
C HIS A 830 17.09 0.44 1.54
N PHE A 831 16.74 -0.82 1.56
CA PHE A 831 16.32 -1.44 2.80
C PHE A 831 16.69 -2.91 2.76
N LEU A 832 16.56 -3.57 3.91
CA LEU A 832 16.79 -5.01 4.07
C LEU A 832 18.23 -5.40 3.71
N ASP A 833 18.41 -6.62 3.15
CA ASP A 833 19.71 -7.18 2.79
C ASP A 833 20.28 -6.56 1.49
N HIS A 834 20.52 -5.23 1.50
CA HIS A 834 21.04 -4.53 0.33
C HIS A 834 22.55 -4.53 0.28
N LYS A 835 23.20 -4.65 1.46
CA LYS A 835 24.66 -4.76 1.57
C LYS A 835 25.10 -6.27 1.54
N LYS A 836 24.17 -7.16 1.07
CA LYS A 836 24.25 -8.61 0.83
C LYS A 836 25.18 -9.38 1.81
N ARG A 843 27.24 -9.04 10.17
CA ARG A 843 26.45 -9.58 9.07
C ARG A 843 24.96 -9.13 9.11
N GLU A 844 24.60 -8.37 10.16
CA GLU A 844 23.39 -7.55 10.32
C GLU A 844 23.98 -6.22 10.76
N ARG A 845 23.84 -5.23 9.88
CA ARG A 845 24.42 -3.92 10.04
C ARG A 845 23.59 -3.01 10.95
N VAL A 846 24.21 -1.93 11.46
CA VAL A 846 23.58 -0.92 12.30
C VAL A 846 23.70 0.40 11.50
N PRO A 847 22.65 0.77 10.71
CA PRO A 847 22.75 1.96 9.84
C PRO A 847 22.97 3.28 10.58
N PHE A 848 22.32 3.45 11.75
CA PHE A 848 22.39 4.65 12.56
C PHE A 848 23.30 4.46 13.77
N VAL A 849 24.59 4.72 13.53
CA VAL A 849 25.63 4.68 14.55
C VAL A 849 25.61 6.04 15.25
N LEU A 850 25.37 6.00 16.56
CA LEU A 850 25.32 7.20 17.40
C LEU A 850 26.71 7.68 17.71
N THR A 851 27.17 8.69 16.97
CA THR A 851 28.48 9.31 17.21
C THR A 851 28.38 10.07 18.54
N GLN A 852 29.52 10.59 19.05
CA GLN A 852 29.54 11.34 20.30
C GLN A 852 28.63 12.56 20.25
N ASP A 853 28.43 13.13 19.05
CA ASP A 853 27.52 14.27 18.86
C ASP A 853 26.12 13.99 19.40
N PHE A 854 25.55 12.80 19.10
CA PHE A 854 24.22 12.40 19.54
C PHE A 854 24.18 12.07 21.00
N LEU A 855 25.24 11.40 21.48
CA LEU A 855 25.35 10.98 22.88
C LEU A 855 25.50 12.12 23.87
N ILE A 856 26.21 13.20 23.46
CA ILE A 856 26.44 14.40 24.29
C ILE A 856 25.12 15.10 24.59
N VAL A 857 24.27 15.28 23.54
CA VAL A 857 22.92 15.84 23.62
C VAL A 857 22.08 14.96 24.56
N ILE A 858 22.12 13.61 24.37
CA ILE A 858 21.37 12.65 25.18
C ILE A 858 21.68 12.82 26.66
N SER A 859 22.99 12.93 26.99
CA SER A 859 23.53 13.08 28.35
C SER A 859 23.58 14.51 28.89
N LYS A 860 22.96 15.46 28.19
CA LYS A 860 22.85 16.87 28.57
C LYS A 860 24.22 17.57 28.77
N GLY A 861 25.20 17.24 27.93
CA GLY A 861 26.52 17.88 27.97
C GLY A 861 27.67 17.07 28.52
N ALA A 862 27.37 16.13 29.44
CA ALA A 862 28.31 15.24 30.11
C ALA A 862 29.35 14.64 29.14
N GLN A 863 30.65 14.67 29.53
CA GLN A 863 31.76 14.12 28.74
C GLN A 863 31.70 12.57 28.74
N GLU A 864 31.41 11.98 29.91
CA GLU A 864 31.24 10.56 30.17
C GLU A 864 29.78 10.22 29.83
N CYS A 865 29.36 10.43 28.56
CA CYS A 865 27.98 10.24 28.10
C CYS A 865 27.50 8.79 28.08
N THR A 866 28.42 7.81 28.15
CA THR A 866 28.07 6.39 28.19
C THR A 866 27.59 6.00 29.60
N LYS A 867 28.34 6.43 30.61
CA LYS A 867 28.08 6.13 32.02
C LYS A 867 27.17 7.20 32.67
N THR A 868 25.91 7.35 32.16
CA THR A 868 24.90 8.29 32.68
C THR A 868 23.53 7.67 32.74
N ARG A 869 22.65 8.22 33.61
CA ARG A 869 21.26 7.78 33.78
C ARG A 869 20.47 8.11 32.53
N GLU A 870 20.80 9.22 31.84
CA GLU A 870 20.12 9.62 30.61
C GLU A 870 20.33 8.58 29.50
N PHE A 871 21.55 8.01 29.42
CA PHE A 871 21.90 6.99 28.45
C PHE A 871 21.20 5.65 28.77
N GLU A 872 21.19 5.28 30.06
CA GLU A 872 20.54 4.07 30.61
C GLU A 872 19.04 4.10 30.32
N ARG A 873 18.41 5.29 30.46
CA ARG A 873 17.01 5.53 30.17
C ARG A 873 16.78 5.37 28.66
N PHE A 874 17.70 5.96 27.84
CA PHE A 874 17.68 5.91 26.36
C PHE A 874 17.78 4.48 25.87
N GLN A 875 18.65 3.66 26.51
CA GLN A 875 18.81 2.25 26.15
C GLN A 875 17.50 1.50 26.41
N GLU A 876 16.83 1.78 27.55
CA GLU A 876 15.57 1.15 27.89
C GLU A 876 14.45 1.49 26.92
N MET A 877 14.47 2.69 26.31
CA MET A 877 13.51 3.07 25.28
C MET A 877 13.78 2.20 24.06
N CYS A 878 15.07 2.01 23.69
CA CYS A 878 15.47 1.19 22.54
C CYS A 878 15.06 -0.26 22.73
N TYR A 879 15.20 -0.81 23.95
CA TYR A 879 14.84 -2.21 24.26
C TYR A 879 13.33 -2.41 24.20
N LYS A 880 12.56 -1.51 24.81
CA LYS A 880 11.09 -1.56 24.80
C LYS A 880 10.55 -1.38 23.37
N ALA A 881 11.15 -0.47 22.59
CA ALA A 881 10.78 -0.23 21.20
C ALA A 881 11.12 -1.43 20.32
N TYR A 882 12.28 -2.08 20.59
CA TYR A 882 12.73 -3.22 19.82
C TYR A 882 11.75 -4.38 19.97
N LEU A 883 11.44 -4.72 21.23
CA LEU A 883 10.55 -5.84 21.57
C LEU A 883 9.11 -5.61 21.12
N ALA A 884 8.61 -4.36 21.18
CA ALA A 884 7.27 -3.99 20.71
C ALA A 884 7.07 -4.34 19.18
N ILE A 885 8.11 -4.12 18.35
CA ILE A 885 8.06 -4.44 16.92
C ILE A 885 8.22 -5.96 16.74
N ARG A 886 8.96 -6.60 17.66
CA ARG A 886 9.13 -8.04 17.62
C ARG A 886 7.77 -8.69 17.83
N GLN A 887 6.92 -8.09 18.67
CA GLN A 887 5.54 -8.54 18.98
C GLN A 887 4.62 -8.48 17.76
N HIS A 888 4.86 -7.49 16.86
CA HIS A 888 4.06 -7.30 15.64
C HIS A 888 4.80 -7.72 14.35
N ALA A 889 5.71 -8.67 14.46
CA ALA A 889 6.51 -9.10 13.33
C ALA A 889 5.73 -9.64 12.13
N ASN A 890 4.63 -10.35 12.33
CA ASN A 890 3.83 -10.90 11.22
C ASN A 890 3.25 -9.81 10.33
N LEU A 891 2.87 -8.66 10.91
CA LEU A 891 2.35 -7.52 10.16
C LEU A 891 3.37 -7.03 9.15
N PHE A 892 4.58 -6.70 9.64
CA PHE A 892 5.69 -6.19 8.84
C PHE A 892 6.12 -7.17 7.79
N ILE A 893 6.21 -8.46 8.15
CA ILE A 893 6.53 -9.54 7.21
C ILE A 893 5.48 -9.55 6.11
N ASN A 894 4.18 -9.41 6.48
CA ASN A 894 3.06 -9.44 5.52
C ASN A 894 3.05 -8.23 4.60
N LEU A 895 3.28 -7.03 5.17
CA LEU A 895 3.34 -5.77 4.40
C LEU A 895 4.44 -5.79 3.32
N PHE A 896 5.62 -6.33 3.66
CA PHE A 896 6.72 -6.52 2.72
C PHE A 896 6.34 -7.56 1.67
N SER A 897 5.73 -8.71 2.08
CA SER A 897 5.29 -9.84 1.23
C SER A 897 4.34 -9.42 0.12
N MET A 898 3.34 -8.55 0.46
CA MET A 898 2.36 -7.97 -0.47
C MET A 898 3.02 -7.02 -1.47
N MET A 899 4.23 -6.52 -1.15
CA MET A 899 5.00 -5.58 -1.98
C MET A 899 5.99 -6.26 -2.90
N LEU A 900 6.07 -7.61 -2.89
CA LEU A 900 6.99 -8.35 -3.79
C LEU A 900 6.59 -8.18 -5.25
N GLY A 901 5.30 -7.90 -5.47
CA GLY A 901 4.69 -7.71 -6.77
C GLY A 901 5.23 -6.49 -7.49
N SER A 902 5.56 -5.42 -6.74
CA SER A 902 6.16 -4.23 -7.35
C SER A 902 7.61 -4.53 -7.75
N GLY A 903 8.03 -3.99 -8.87
CA GLY A 903 9.37 -4.27 -9.38
C GLY A 903 10.53 -3.66 -8.62
N MET A 904 10.46 -3.63 -7.26
CA MET A 904 11.50 -3.02 -6.42
C MET A 904 12.71 -3.91 -6.35
N PRO A 905 13.92 -3.41 -6.72
CA PRO A 905 15.14 -4.27 -6.72
C PRO A 905 15.54 -4.89 -5.39
N GLU A 906 15.37 -4.14 -4.29
CA GLU A 906 15.67 -4.58 -2.91
C GLU A 906 14.64 -5.56 -2.34
N LEU A 907 13.49 -5.78 -3.03
CA LEU A 907 12.40 -6.64 -2.53
C LEU A 907 11.88 -7.53 -3.66
N GLN A 908 12.70 -8.55 -4.01
CA GLN A 908 12.56 -9.51 -5.11
C GLN A 908 12.26 -10.97 -4.69
N SER A 909 12.30 -11.29 -3.39
CA SER A 909 12.07 -12.67 -2.95
C SER A 909 11.75 -12.71 -1.47
N PHE A 910 11.27 -13.86 -0.97
CA PHE A 910 11.00 -14.02 0.46
C PHE A 910 12.30 -14.04 1.30
N ASP A 911 13.48 -14.33 0.67
CA ASP A 911 14.79 -14.31 1.36
C ASP A 911 15.21 -12.89 1.68
N ASP A 912 14.79 -11.90 0.85
CA ASP A 912 15.06 -10.47 1.10
C ASP A 912 14.30 -10.09 2.39
N ILE A 913 13.01 -10.52 2.53
CA ILE A 913 12.16 -10.27 3.70
C ILE A 913 12.70 -11.00 4.96
N ALA A 914 13.41 -12.13 4.75
CA ALA A 914 14.03 -12.93 5.82
C ALA A 914 15.07 -12.13 6.63
N TYR A 915 15.48 -10.94 6.11
CA TYR A 915 16.37 -10.05 6.83
C TYR A 915 15.69 -9.60 8.12
N ILE A 916 14.37 -9.26 8.08
CA ILE A 916 13.69 -8.83 9.31
C ILE A 916 13.48 -10.02 10.29
N ARG A 917 13.51 -11.28 9.83
CA ARG A 917 13.48 -12.44 10.74
C ARG A 917 14.81 -12.47 11.55
N LYS A 918 15.94 -12.06 10.91
CA LYS A 918 17.26 -12.03 11.54
C LYS A 918 17.35 -10.88 12.54
N THR A 919 17.06 -9.64 12.10
CA THR A 919 17.13 -8.42 12.92
C THR A 919 16.16 -8.45 14.07
N LEU A 920 15.03 -9.14 13.92
CA LEU A 920 14.04 -9.28 14.99
C LEU A 920 14.30 -10.52 15.88
N ALA A 921 15.22 -11.41 15.46
CA ALA A 921 15.61 -12.63 16.18
C ALA A 921 14.37 -13.47 16.54
N LEU A 922 13.56 -13.79 15.54
CA LEU A 922 12.28 -14.44 15.75
C LEU A 922 12.39 -15.88 16.29
N ASP A 923 13.39 -16.63 15.79
CA ASP A 923 13.67 -18.00 16.22
C ASP A 923 14.13 -18.02 17.70
N LYS A 924 14.86 -16.98 18.12
CA LYS A 924 15.35 -16.82 19.49
C LYS A 924 14.20 -16.38 20.41
N THR A 925 14.41 -16.46 21.72
CA THR A 925 13.44 -16.02 22.73
C THR A 925 13.55 -14.50 22.92
N GLU A 926 12.60 -13.91 23.65
CA GLU A 926 12.53 -12.47 23.94
C GLU A 926 13.80 -11.92 24.66
N GLN A 927 14.32 -12.66 25.65
CA GLN A 927 15.54 -12.26 26.36
C GLN A 927 16.78 -12.49 25.50
N GLU A 928 16.76 -13.54 24.66
CA GLU A 928 17.84 -13.84 23.73
C GLU A 928 17.89 -12.76 22.62
N ALA A 929 16.71 -12.24 22.24
CA ALA A 929 16.54 -11.19 21.22
C ALA A 929 17.11 -9.86 21.70
N LEU A 930 16.93 -9.55 22.99
CA LEU A 930 17.44 -8.34 23.60
C LEU A 930 18.96 -8.40 23.65
N GLU A 931 19.52 -9.58 23.99
CA GLU A 931 20.97 -9.83 24.04
C GLU A 931 21.58 -9.69 22.64
N TYR A 932 20.83 -10.11 21.59
CA TYR A 932 21.24 -9.98 20.21
C TYR A 932 21.28 -8.53 19.80
N PHE A 933 20.20 -7.78 20.08
CA PHE A 933 20.10 -6.35 19.76
C PHE A 933 21.22 -5.58 20.44
N MET A 934 21.46 -5.87 21.72
CA MET A 934 22.51 -5.25 22.53
C MET A 934 23.89 -5.50 21.93
N LYS A 935 24.16 -6.74 21.47
CA LYS A 935 25.43 -7.16 20.88
C LYS A 935 25.73 -6.40 19.62
N GLN A 936 24.70 -6.22 18.76
CA GLN A 936 24.82 -5.50 17.50
C GLN A 936 25.17 -4.04 17.76
N MET A 937 24.50 -3.41 18.75
CA MET A 937 24.71 -2.02 19.17
C MET A 937 26.08 -1.85 19.81
N ASN A 938 26.52 -2.85 20.60
CA ASN A 938 27.81 -2.83 21.28
C ASN A 938 28.96 -2.82 20.27
N ASP A 939 28.93 -3.75 19.30
CA ASP A 939 29.96 -3.87 18.28
C ASP A 939 30.02 -2.66 17.35
N ALA A 940 28.85 -2.13 16.96
CA ALA A 940 28.73 -0.96 16.08
C ALA A 940 29.32 0.31 16.70
N HIS A 941 29.00 0.55 17.99
CA HIS A 941 29.41 1.73 18.77
C HIS A 941 30.78 1.56 19.43
N HIS A 942 31.33 0.32 19.40
CA HIS A 942 32.61 -0.09 20.02
C HIS A 942 32.51 0.15 21.53
N GLY A 943 31.56 -0.55 22.15
CA GLY A 943 31.24 -0.48 23.57
C GLY A 943 29.97 0.25 23.89
N GLY A 944 29.61 0.28 25.17
CA GLY A 944 28.44 0.97 25.67
C GLY A 944 27.20 0.14 25.94
N TRP A 945 26.98 -0.90 25.12
CA TRP A 945 25.77 -1.75 25.22
C TRP A 945 26.08 -3.16 25.68
#